data_7T7T
#
_entry.id   7T7T
#
_cell.length_a   82.890
_cell.length_b   92.330
_cell.length_c   209.910
_cell.angle_alpha   90.000
_cell.angle_beta   90.000
_cell.angle_gamma   90.000
#
_symmetry.space_group_name_H-M   'P 21 21 21'
#
loop_
_entity.id
_entity.type
_entity.pdbx_description
1 polymer 'Protein TONSOKU'
2 polymer 'Histone H3.1'
3 water water
#
loop_
_entity_poly.entity_id
_entity_poly.type
_entity_poly.pdbx_seq_one_letter_code
_entity_poly.pdbx_strand_id
1 'polypeptide(L)'
;(MSE)GSSHHHHHHSSGLVPRGSH(MSE)AS(MSE)TGGQQ(MSE)GRGSENLYFQG(MSE)GRDE(MSE)Q(MSE)SEA
KRAYRSAKEEGNRQEEARWANVIGDILKNRGEYVEALKWFRIDYDVSVKYLPEKHLLPTCQSLGEVYLRLEHFKDALIYQ
KKHLELAKDASDLVEQQRACTQLGRTYYE(MSE)FLRSDDDHYSIRNAKKYFKSA(MSE)KLAQTLKENPATSRSSFLKE
YIDAHNNIG(MSE)LQ(MSE)ELDNLEEAKKLLIRGLEICNEEEVSEDDDGRSRLHHNLGNVY(MSE)ELR(MSE)WDKS
REHIEQDIIICKKIEHRQGEAKGYINLGELHYRVQKYDEAILCYQKALNLAQS(MSE)EDEDALASQIDQNIETVKKAIE
V(MSE)DELKKEEQNLKKLTRN(MSE)IIAKGTSQERKSLLQQNASLDCLIEKSS(MSE)IFAWLKHCEYAKRKKRIASE
LCDKGKLSDSFLVIGESYQKLRKFNKAIKWYTKSWE(MSE)YKSIGNLEGQALAKVN(MSE)GNVLDSNGDWAGALDAFQ
EGYRIAVEANLPSVQLSALEN(MSE)HYSH(MSE)IRFDNIEEARRLQHEIDKLK
;
A,B
2 'polypeptide(L)' ARTKQTARKSTGGKAPRKQLATKAARKSAPATGGVKKPHRFRPGT X,W
#
# COMPACT_ATOMS: atom_id res chain seq x y z
N MSE A 42 19.76 -7.24 -18.76
CA MSE A 42 19.59 -6.79 -17.39
C MSE A 42 20.79 -7.17 -16.53
O MSE A 42 20.78 -6.95 -15.32
CB MSE A 42 18.31 -7.36 -16.79
CG MSE A 42 17.12 -7.30 -17.72
SE MSE A 42 16.32 -5.53 -17.82
CE MSE A 42 15.90 -5.28 -15.93
N GLY A 43 21.83 -7.72 -17.16
CA GLY A 43 23.08 -7.95 -16.46
C GLY A 43 23.79 -6.68 -16.03
N ARG A 44 23.35 -5.52 -16.53
CA ARG A 44 23.94 -4.24 -16.18
C ARG A 44 23.18 -3.52 -15.08
N ASP A 45 21.99 -3.99 -14.69
CA ASP A 45 21.25 -3.31 -13.63
C ASP A 45 21.77 -3.63 -12.25
N GLU A 46 22.85 -4.40 -12.13
CA GLU A 46 23.42 -4.70 -10.82
C GLU A 46 24.31 -3.56 -10.35
N MSE A 47 25.30 -3.21 -11.16
CA MSE A 47 26.24 -2.15 -10.83
C MSE A 47 25.67 -0.76 -11.15
O MSE A 47 26.02 0.22 -10.49
CB MSE A 47 27.55 -2.36 -11.59
N GLN A 48 24.80 -0.70 -12.16
CA GLN A 48 24.21 0.58 -12.55
C GLN A 48 23.41 1.20 -11.42
N MSE A 49 23.05 0.43 -10.39
CA MSE A 49 22.47 0.96 -9.17
C MSE A 49 23.54 1.39 -8.19
O MSE A 49 23.46 2.46 -7.60
CB MSE A 49 21.55 -0.08 -8.52
CG MSE A 49 21.03 0.37 -7.18
SE MSE A 49 19.33 1.30 -7.33
CE MSE A 49 18.34 -0.11 -8.23
N SER A 50 24.55 0.54 -8.02
CA SER A 50 25.64 0.84 -7.09
C SER A 50 26.29 2.17 -7.43
N GLU A 51 26.52 2.44 -8.72
CA GLU A 51 27.08 3.71 -9.13
C GLU A 51 26.12 4.86 -8.85
N ALA A 52 24.82 4.64 -9.00
CA ALA A 52 23.85 5.71 -8.75
C ALA A 52 23.66 5.95 -7.26
N LYS A 53 23.61 4.88 -6.46
CA LYS A 53 23.61 5.04 -5.01
C LYS A 53 24.92 5.67 -4.54
N ARG A 54 26.03 5.34 -5.21
CA ARG A 54 27.30 6.01 -4.93
C ARG A 54 27.16 7.51 -5.14
N ALA A 55 26.68 7.92 -6.31
CA ALA A 55 26.56 9.33 -6.63
C ALA A 55 25.57 10.04 -5.71
N TYR A 56 24.54 9.33 -5.24
CA TYR A 56 23.60 9.96 -4.32
C TYR A 56 24.27 10.20 -2.96
N ARG A 57 24.89 9.16 -2.39
CA ARG A 57 25.65 9.37 -1.16
C ARG A 57 26.72 10.44 -1.33
N SER A 58 27.23 10.62 -2.54
CA SER A 58 28.31 11.58 -2.74
C SER A 58 27.77 13.01 -2.81
N ALA A 59 26.67 13.21 -3.54
CA ALA A 59 26.01 14.51 -3.54
C ALA A 59 25.43 14.82 -2.16
N LYS A 60 25.25 13.80 -1.32
CA LYS A 60 24.85 14.04 0.06
C LYS A 60 26.05 14.45 0.91
N GLU A 61 27.22 13.89 0.61
CA GLU A 61 28.44 14.23 1.34
C GLU A 61 29.01 15.57 0.93
N GLU A 62 28.65 16.09 -0.23
CA GLU A 62 29.17 17.38 -0.71
C GLU A 62 28.12 18.48 -0.70
N GLY A 63 26.89 18.18 -0.28
CA GLY A 63 25.82 19.16 -0.22
C GLY A 63 25.35 19.66 -1.56
N ASN A 64 25.67 18.96 -2.65
CA ASN A 64 25.18 19.27 -3.99
C ASN A 64 23.71 18.85 -4.04
N ARG A 65 22.85 19.75 -3.53
CA ARG A 65 21.42 19.44 -3.41
C ARG A 65 20.78 19.09 -4.75
N GLN A 66 21.08 19.85 -5.79
CA GLN A 66 20.52 19.54 -7.10
C GLN A 66 20.88 18.13 -7.53
N GLU A 67 22.12 17.71 -7.29
CA GLU A 67 22.49 16.36 -7.71
C GLU A 67 22.03 15.30 -6.70
N GLU A 68 21.85 15.66 -5.43
CA GLU A 68 21.10 14.77 -4.53
C GLU A 68 19.76 14.42 -5.15
N ALA A 69 19.07 15.42 -5.67
CA ALA A 69 17.71 15.17 -6.14
C ALA A 69 17.71 14.52 -7.52
N ARG A 70 18.67 14.88 -8.36
CA ARG A 70 18.79 14.23 -9.67
C ARG A 70 19.10 12.74 -9.53
N TRP A 71 19.96 12.38 -8.56
CA TRP A 71 20.30 10.98 -8.41
C TRP A 71 19.23 10.21 -7.65
N ALA A 72 18.55 10.87 -6.70
CA ALA A 72 17.34 10.29 -6.13
C ALA A 72 16.34 9.93 -7.22
N ASN A 73 16.13 10.85 -8.17
CA ASN A 73 15.23 10.58 -9.28
C ASN A 73 15.71 9.37 -10.09
N VAL A 74 17.00 9.34 -10.43
CA VAL A 74 17.54 8.24 -11.23
C VAL A 74 17.30 6.91 -10.54
N ILE A 75 17.63 6.81 -9.25
CA ILE A 75 17.49 5.54 -8.55
C ILE A 75 16.01 5.17 -8.41
N GLY A 76 15.15 6.16 -8.12
CA GLY A 76 13.72 5.90 -8.12
C GLY A 76 13.22 5.37 -9.44
N ASP A 77 13.81 5.82 -10.54
CA ASP A 77 13.39 5.35 -11.86
C ASP A 77 13.81 3.90 -12.09
N ILE A 78 15.03 3.56 -11.66
CA ILE A 78 15.43 2.14 -11.72
C ILE A 78 14.49 1.27 -10.89
N LEU A 79 14.15 1.74 -9.69
CA LEU A 79 13.23 0.99 -8.83
C LEU A 79 11.87 0.83 -9.49
N LYS A 80 11.43 1.86 -10.21
CA LYS A 80 10.16 1.79 -10.93
C LYS A 80 10.22 0.77 -12.06
N ASN A 81 11.32 0.77 -12.82
CA ASN A 81 11.47 -0.19 -13.90
C ASN A 81 11.72 -1.61 -13.40
N ARG A 82 11.89 -1.80 -12.09
CA ARG A 82 11.99 -3.15 -11.55
C ARG A 82 10.69 -3.62 -10.88
N GLY A 83 9.64 -2.82 -10.89
CA GLY A 83 8.42 -3.21 -10.21
C GLY A 83 8.42 -2.96 -8.72
N GLU A 84 9.35 -2.15 -8.22
CA GLU A 84 9.42 -1.79 -6.81
C GLU A 84 8.82 -0.40 -6.65
N TYR A 85 7.49 -0.34 -6.67
CA TYR A 85 6.82 0.95 -6.70
C TYR A 85 6.80 1.64 -5.35
N VAL A 86 6.60 0.89 -4.25
CA VAL A 86 6.69 1.51 -2.94
C VAL A 86 8.09 2.07 -2.69
N GLU A 87 9.11 1.30 -3.06
CA GLU A 87 10.47 1.75 -2.87
C GLU A 87 10.86 2.80 -3.88
N ALA A 88 10.18 2.84 -5.04
CA ALA A 88 10.35 3.96 -5.95
C ALA A 88 9.75 5.22 -5.34
N LEU A 89 8.59 5.09 -4.70
CA LEU A 89 7.96 6.23 -4.05
C LEU A 89 8.82 6.78 -2.92
N LYS A 90 9.62 5.95 -2.26
CA LYS A 90 10.48 6.45 -1.19
C LYS A 90 11.45 7.53 -1.69
N TRP A 91 12.37 7.15 -2.58
CA TRP A 91 13.30 8.12 -3.14
C TRP A 91 12.77 8.82 -4.38
N PHE A 92 11.45 8.82 -4.60
CA PHE A 92 10.82 9.87 -5.36
C PHE A 92 10.25 10.95 -4.46
N ARG A 93 9.81 10.55 -3.26
CA ARG A 93 9.39 11.49 -2.24
C ARG A 93 10.56 12.32 -1.75
N ILE A 94 11.74 11.72 -1.66
CA ILE A 94 12.85 12.52 -1.16
C ILE A 94 13.43 13.39 -2.26
N ASP A 95 13.30 12.99 -3.52
CA ASP A 95 13.60 13.91 -4.63
C ASP A 95 12.66 15.11 -4.62
N TYR A 96 11.36 14.84 -4.47
CA TYR A 96 10.38 15.91 -4.33
C TYR A 96 10.73 16.83 -3.16
N ASP A 97 11.22 16.26 -2.06
CA ASP A 97 11.48 17.06 -0.87
C ASP A 97 12.73 17.92 -1.02
N VAL A 98 13.80 17.36 -1.57
CA VAL A 98 14.99 18.17 -1.85
C VAL A 98 14.66 19.29 -2.82
N SER A 99 13.86 19.00 -3.84
CA SER A 99 13.48 20.03 -4.81
C SER A 99 12.65 21.13 -4.16
N VAL A 100 11.70 20.75 -3.29
CA VAL A 100 10.87 21.76 -2.63
C VAL A 100 11.70 22.59 -1.66
N LYS A 101 12.68 21.98 -1.01
CA LYS A 101 13.42 22.69 0.03
C LYS A 101 14.47 23.63 -0.56
N TYR A 102 15.29 23.14 -1.49
CA TYR A 102 16.44 23.92 -1.94
C TYR A 102 16.45 24.28 -3.41
N LEU A 103 15.63 23.65 -4.25
CA LEU A 103 15.75 23.81 -5.69
C LEU A 103 14.66 24.71 -6.25
N PRO A 104 14.89 25.31 -7.42
CA PRO A 104 13.86 26.14 -8.06
C PRO A 104 12.58 25.35 -8.35
N GLU A 105 11.54 26.08 -8.74
CA GLU A 105 10.26 25.45 -9.00
C GLU A 105 10.30 24.49 -10.18
N LYS A 106 11.17 24.77 -11.16
CA LYS A 106 11.24 23.95 -12.37
C LYS A 106 11.46 22.48 -12.04
N HIS A 107 12.33 22.20 -11.06
CA HIS A 107 12.64 20.82 -10.69
C HIS A 107 11.40 20.05 -10.30
N LEU A 108 10.39 20.73 -9.74
CA LEU A 108 9.17 20.05 -9.33
C LEU A 108 8.41 19.43 -10.50
N LEU A 109 8.75 19.78 -11.73
CA LEU A 109 7.92 19.44 -12.86
C LEU A 109 8.12 17.98 -13.31
N PRO A 110 9.35 17.50 -13.55
CA PRO A 110 9.50 16.05 -13.79
C PRO A 110 9.20 15.21 -12.57
N THR A 111 9.66 15.64 -11.39
CA THR A 111 9.45 14.86 -10.17
C THR A 111 7.97 14.60 -9.93
N CYS A 112 7.12 15.59 -10.21
CA CYS A 112 5.68 15.39 -10.03
C CYS A 112 5.13 14.37 -11.02
N GLN A 113 5.70 14.31 -12.22
CA GLN A 113 5.27 13.30 -13.19
C GLN A 113 5.57 11.90 -12.67
N SER A 114 6.84 11.64 -12.36
CA SER A 114 7.25 10.31 -11.92
C SER A 114 6.47 9.91 -10.67
N LEU A 115 6.36 10.82 -9.72
CA LEU A 115 5.56 10.56 -8.52
C LEU A 115 4.14 10.18 -8.92
N GLY A 116 3.51 11.03 -9.73
CA GLY A 116 2.16 10.75 -10.19
C GLY A 116 2.07 9.48 -10.99
N GLU A 117 3.17 9.06 -11.61
CA GLU A 117 3.15 7.79 -12.33
C GLU A 117 3.11 6.61 -11.36
N VAL A 118 3.96 6.64 -10.33
CA VAL A 118 4.06 5.47 -9.46
C VAL A 118 2.75 5.22 -8.72
N TYR A 119 2.10 6.30 -8.25
CA TYR A 119 0.79 6.17 -7.64
C TYR A 119 -0.20 5.50 -8.59
N LEU A 120 -0.10 5.82 -9.88
CA LEU A 120 -0.96 5.17 -10.86
C LEU A 120 -0.72 3.66 -10.88
N ARG A 121 0.55 3.25 -10.91
CA ARG A 121 0.83 1.81 -10.98
C ARG A 121 0.48 1.09 -9.69
N LEU A 122 0.39 1.81 -8.59
CA LEU A 122 -0.05 1.25 -7.31
C LEU A 122 -1.55 1.29 -7.12
N GLU A 123 -2.30 1.72 -8.14
CA GLU A 123 -3.76 1.86 -8.08
C GLU A 123 -4.19 2.93 -7.09
N HIS A 124 -3.34 3.93 -6.86
CA HIS A 124 -3.66 5.07 -6.01
C HIS A 124 -4.04 6.25 -6.93
N PHE A 125 -5.33 6.32 -7.27
CA PHE A 125 -5.78 7.24 -8.32
C PHE A 125 -5.89 8.67 -7.83
N LYS A 126 -6.57 8.89 -6.69
CA LYS A 126 -6.63 10.23 -6.11
C LYS A 126 -5.24 10.80 -5.88
N ASP A 127 -4.38 9.99 -5.24
CA ASP A 127 -3.00 10.38 -4.98
C ASP A 127 -2.27 10.73 -6.26
N ALA A 128 -2.43 9.90 -7.29
CA ALA A 128 -1.86 10.21 -8.59
C ALA A 128 -2.35 11.57 -9.08
N LEU A 129 -3.68 11.74 -9.12
CA LEU A 129 -4.30 12.92 -9.71
C LEU A 129 -3.75 14.21 -9.10
N ILE A 130 -3.47 14.19 -7.79
CA ILE A 130 -2.87 15.37 -7.14
C ILE A 130 -1.64 15.85 -7.92
N TYR A 131 -0.62 15.00 -8.02
CA TYR A 131 0.61 15.39 -8.67
C TYR A 131 0.46 15.51 -10.17
N GLN A 132 -0.40 14.68 -10.79
CA GLN A 132 -0.68 14.81 -12.22
C GLN A 132 -1.13 16.22 -12.55
N LYS A 133 -2.02 16.78 -11.72
CA LYS A 133 -2.56 18.10 -11.99
C LYS A 133 -1.55 19.19 -11.65
N LYS A 134 -0.81 19.03 -10.54
CA LYS A 134 0.29 19.95 -10.28
C LYS A 134 1.27 19.97 -11.45
N HIS A 135 1.48 18.82 -12.09
CA HIS A 135 2.31 18.73 -13.28
C HIS A 135 1.75 19.59 -14.41
N LEU A 136 0.43 19.50 -14.62
CA LEU A 136 -0.18 20.31 -15.66
C LEU A 136 -0.05 21.81 -15.37
N GLU A 137 -0.29 22.21 -14.12
CA GLU A 137 -0.10 23.61 -13.74
C GLU A 137 1.32 24.09 -14.03
N LEU A 138 2.32 23.41 -13.44
CA LEU A 138 3.70 23.82 -13.67
C LEU A 138 4.06 23.87 -15.15
N ALA A 139 3.40 23.05 -15.98
CA ALA A 139 3.70 23.11 -17.41
C ALA A 139 2.98 24.26 -18.11
N LYS A 140 1.81 24.66 -17.60
CA LYS A 140 1.08 25.78 -18.21
C LYS A 140 1.73 27.13 -17.86
N ASP A 141 2.07 27.34 -16.58
CA ASP A 141 2.68 28.60 -16.17
C ASP A 141 3.99 28.88 -16.90
N ALA A 142 4.67 27.84 -17.40
CA ALA A 142 5.85 28.02 -18.22
C ALA A 142 5.54 27.94 -19.71
N SER A 143 4.44 27.29 -20.09
CA SER A 143 3.97 27.23 -21.46
C SER A 143 5.05 26.67 -22.40
N ASP A 144 5.65 25.55 -21.99
CA ASP A 144 6.64 24.87 -22.80
C ASP A 144 6.04 23.84 -23.76
N LEU A 145 4.73 23.59 -23.64
CA LEU A 145 3.96 22.79 -24.59
C LEU A 145 4.32 21.31 -24.56
N VAL A 146 5.62 20.98 -24.61
CA VAL A 146 6.04 19.58 -24.59
C VAL A 146 5.69 18.94 -23.25
N GLU A 147 6.09 19.58 -22.15
CA GLU A 147 5.70 19.10 -20.83
C GLU A 147 4.19 19.18 -20.64
N GLN A 148 3.53 20.15 -21.28
CA GLN A 148 2.08 20.22 -21.23
C GLN A 148 1.45 19.02 -21.94
N GLN A 149 2.10 18.54 -23.00
CA GLN A 149 1.68 17.31 -23.69
C GLN A 149 1.83 16.12 -22.76
N ARG A 150 2.97 16.02 -22.08
CA ARG A 150 3.20 14.89 -21.19
C ARG A 150 2.17 14.86 -20.07
N ALA A 151 1.97 16.02 -19.42
CA ALA A 151 0.99 16.09 -18.33
C ALA A 151 -0.40 15.72 -18.80
N CYS A 152 -0.76 16.07 -20.04
CA CYS A 152 -2.11 15.75 -20.50
C CYS A 152 -2.25 14.26 -20.83
N THR A 153 -1.24 13.68 -21.49
CA THR A 153 -1.23 12.23 -21.71
C THR A 153 -1.41 11.48 -20.39
N GLN A 154 -0.69 11.88 -19.35
CA GLN A 154 -0.79 11.16 -18.08
C GLN A 154 -2.13 11.38 -17.41
N LEU A 155 -2.69 12.59 -17.51
CA LEU A 155 -4.03 12.83 -16.96
C LEU A 155 -5.05 11.92 -17.63
N GLY A 156 -4.99 11.83 -18.97
CA GLY A 156 -5.90 10.96 -19.68
C GLY A 156 -5.73 9.52 -19.29
N ARG A 157 -4.48 9.09 -19.05
CA ARG A 157 -4.24 7.73 -18.60
C ARG A 157 -4.94 7.47 -17.26
N THR A 158 -4.69 8.32 -16.26
CA THR A 158 -5.28 8.09 -14.95
C THR A 158 -6.81 8.11 -15.00
N TYR A 159 -7.39 8.94 -15.86
CA TYR A 159 -8.85 9.00 -15.90
C TYR A 159 -9.44 7.79 -16.61
N TYR A 160 -8.88 7.42 -17.76
CA TYR A 160 -9.26 6.18 -18.42
C TYR A 160 -9.19 5.01 -17.45
N GLU A 161 -8.17 4.97 -16.60
CA GLU A 161 -7.99 3.82 -15.72
C GLU A 161 -8.95 3.87 -14.54
N MSE A 162 -9.33 5.06 -14.10
CA MSE A 162 -10.36 5.19 -13.08
C MSE A 162 -11.71 4.71 -13.61
O MSE A 162 -12.47 4.06 -12.88
CB MSE A 162 -10.50 6.63 -12.61
CG MSE A 162 -9.44 7.09 -11.65
SE MSE A 162 -9.65 8.97 -11.25
CE MSE A 162 -11.21 8.86 -10.11
N PHE A 163 -12.02 5.04 -14.87
CA PHE A 163 -13.36 4.80 -15.38
C PHE A 163 -13.68 3.32 -15.49
N LEU A 164 -12.69 2.48 -15.83
CA LEU A 164 -12.94 1.04 -15.91
C LEU A 164 -13.15 0.41 -14.53
N ARG A 165 -12.90 1.15 -13.45
CA ARG A 165 -13.06 0.59 -12.10
C ARG A 165 -14.21 1.26 -11.36
N TYR A 171 -18.60 10.86 -15.96
CA TYR A 171 -17.72 11.97 -15.58
C TYR A 171 -16.28 11.65 -15.95
N SER A 172 -15.87 10.40 -15.68
CA SER A 172 -14.49 10.00 -15.91
C SER A 172 -14.18 9.90 -17.40
N ILE A 173 -15.12 9.38 -18.19
CA ILE A 173 -14.89 9.24 -19.62
C ILE A 173 -14.81 10.60 -20.30
N ARG A 174 -15.60 11.57 -19.82
CA ARG A 174 -15.51 12.93 -20.34
C ARG A 174 -14.09 13.48 -20.19
N ASN A 175 -13.56 13.46 -18.97
CA ASN A 175 -12.21 13.97 -18.74
C ASN A 175 -11.17 13.14 -19.47
N ALA A 176 -11.39 11.82 -19.58
CA ALA A 176 -10.45 10.97 -20.30
C ALA A 176 -10.35 11.40 -21.76
N LYS A 177 -11.50 11.51 -22.43
CA LYS A 177 -11.51 11.95 -23.82
C LYS A 177 -10.93 13.36 -23.95
N LYS A 178 -11.25 14.24 -22.99
CA LYS A 178 -10.76 15.60 -23.05
C LYS A 178 -9.23 15.65 -23.04
N TYR A 179 -8.62 14.94 -22.09
CA TYR A 179 -7.16 15.01 -21.99
C TYR A 179 -6.46 14.21 -23.07
N PHE A 180 -7.03 13.08 -23.52
CA PHE A 180 -6.41 12.38 -24.63
C PHE A 180 -6.47 13.19 -25.92
N LYS A 181 -7.59 13.85 -26.18
CA LYS A 181 -7.69 14.70 -27.36
C LYS A 181 -6.76 15.89 -27.27
N SER A 182 -6.71 16.55 -26.10
CA SER A 182 -5.76 17.64 -25.90
C SER A 182 -4.33 17.17 -26.11
N ALA A 183 -4.00 15.97 -25.64
CA ALA A 183 -2.64 15.44 -25.84
C ALA A 183 -2.34 15.20 -27.31
N MSE A 184 -3.30 14.68 -28.06
CA MSE A 184 -3.11 14.48 -29.49
C MSE A 184 -2.90 15.82 -30.19
O MSE A 184 -2.05 15.95 -31.09
CB MSE A 184 -4.29 13.73 -30.11
CG MSE A 184 -4.23 13.67 -31.64
SE MSE A 184 -2.74 12.61 -32.30
CE MSE A 184 -2.96 12.92 -34.21
N LYS A 185 -3.68 16.83 -29.79
CA LYS A 185 -3.53 18.15 -30.41
C LYS A 185 -2.22 18.81 -30.03
N LEU A 186 -1.71 18.54 -28.82
CA LEU A 186 -0.42 19.07 -28.41
C LEU A 186 0.74 18.28 -28.98
N ALA A 187 0.48 17.08 -29.50
CA ALA A 187 1.51 16.35 -30.23
C ALA A 187 1.50 16.72 -31.71
N GLN A 188 0.34 17.10 -32.24
CA GLN A 188 0.30 17.66 -33.59
C GLN A 188 0.96 19.02 -33.64
N THR A 189 0.67 19.87 -32.65
CA THR A 189 1.33 21.18 -32.58
C THR A 189 2.84 21.02 -32.47
N LEU A 190 3.30 20.06 -31.66
CA LEU A 190 4.73 19.79 -31.54
C LEU A 190 5.35 19.32 -32.85
N LYS A 191 4.55 18.93 -33.82
CA LYS A 191 5.06 18.45 -35.09
C LYS A 191 5.02 19.55 -36.15
N SER A 199 11.40 13.86 -37.04
CA SER A 199 12.15 13.10 -36.05
C SER A 199 12.43 13.93 -34.82
N SER A 200 11.38 14.55 -34.28
CA SER A 200 11.48 15.39 -33.09
C SER A 200 10.62 14.86 -31.95
N PHE A 201 9.30 14.87 -32.12
CA PHE A 201 8.42 14.35 -31.09
C PHE A 201 7.69 13.15 -31.66
N LEU A 202 8.47 12.26 -32.29
CA LEU A 202 7.92 11.06 -32.91
C LEU A 202 7.27 10.15 -31.88
N LYS A 203 7.99 9.86 -30.80
CA LYS A 203 7.48 9.01 -29.74
C LYS A 203 6.15 9.52 -29.21
N GLU A 204 6.11 10.80 -28.82
CA GLU A 204 4.87 11.38 -28.30
C GLU A 204 3.73 11.34 -29.32
N TYR A 205 4.05 11.51 -30.61
CA TYR A 205 3.01 11.50 -31.63
C TYR A 205 2.42 10.10 -31.79
N ILE A 206 3.29 9.10 -31.90
CA ILE A 206 2.83 7.72 -32.06
C ILE A 206 2.08 7.28 -30.80
N ASP A 207 2.59 7.66 -29.62
CA ASP A 207 1.94 7.31 -28.37
C ASP A 207 0.57 7.96 -28.22
N ALA A 208 0.43 9.20 -28.71
CA ALA A 208 -0.87 9.87 -28.64
C ALA A 208 -1.86 9.21 -29.59
N HIS A 209 -1.39 8.81 -30.78
CA HIS A 209 -2.24 8.01 -31.66
C HIS A 209 -2.68 6.73 -30.98
N ASN A 210 -1.72 6.02 -30.37
CA ASN A 210 -1.99 4.82 -29.58
C ASN A 210 -3.13 5.04 -28.59
N ASN A 211 -2.97 6.05 -27.72
CA ASN A 211 -3.92 6.26 -26.65
C ASN A 211 -5.28 6.69 -27.17
N ILE A 212 -5.31 7.48 -28.25
CA ILE A 212 -6.58 7.96 -28.77
C ILE A 212 -7.33 6.82 -29.45
N GLY A 213 -6.62 5.98 -30.21
CA GLY A 213 -7.23 4.77 -30.74
C GLY A 213 -7.74 3.84 -29.66
N MSE A 214 -6.95 3.65 -28.61
CA MSE A 214 -7.35 2.80 -27.48
C MSE A 214 -8.62 3.30 -26.82
O MSE A 214 -9.51 2.51 -26.50
CB MSE A 214 -6.23 2.73 -26.45
CG MSE A 214 -6.66 2.11 -25.14
SE MSE A 214 -5.31 2.28 -23.74
CE MSE A 214 -5.41 4.21 -23.46
N LEU A 215 -8.71 4.62 -26.62
CA LEU A 215 -9.90 5.20 -26.00
C LEU A 215 -11.15 4.98 -26.85
N GLN A 216 -10.98 4.86 -28.17
CA GLN A 216 -12.12 4.70 -29.07
C GLN A 216 -12.89 3.42 -28.76
N MSE A 217 -12.21 2.29 -28.70
CA MSE A 217 -12.90 1.00 -28.58
C MSE A 217 -13.64 0.82 -27.26
O MSE A 217 -14.62 0.08 -27.19
CB MSE A 217 -11.92 -0.15 -28.76
CG MSE A 217 -11.09 -0.46 -27.54
SE MSE A 217 -10.59 -2.32 -27.46
CE MSE A 217 -12.25 -3.04 -26.75
N GLU A 218 -13.18 1.50 -26.21
CA GLU A 218 -13.84 1.39 -24.92
C GLU A 218 -14.79 2.57 -24.72
N ASP A 220 -16.92 1.93 -28.07
CA ASP A 220 -17.44 0.95 -29.00
C ASP A 220 -17.21 1.40 -30.45
N ASN A 221 -16.24 2.29 -30.63
CA ASN A 221 -15.89 2.78 -31.97
C ASN A 221 -14.73 1.96 -32.53
N LEU A 222 -15.03 0.70 -32.81
CA LEU A 222 -14.01 -0.25 -33.25
C LEU A 222 -13.33 0.20 -34.53
N GLU A 223 -14.08 0.85 -35.42
CA GLU A 223 -13.59 1.11 -36.77
C GLU A 223 -12.60 2.27 -36.79
N GLU A 224 -12.91 3.36 -36.08
CA GLU A 224 -11.96 4.45 -35.97
C GLU A 224 -10.74 4.04 -35.16
N ALA A 225 -10.93 3.17 -34.16
CA ALA A 225 -9.80 2.59 -33.45
C ALA A 225 -8.90 1.82 -34.41
N LYS A 226 -9.50 1.00 -35.28
CA LYS A 226 -8.75 0.29 -36.30
C LYS A 226 -7.92 1.27 -37.12
N LYS A 227 -8.56 2.36 -37.56
CA LYS A 227 -7.88 3.33 -38.42
C LYS A 227 -6.71 3.98 -37.69
N LEU A 228 -6.93 4.48 -36.47
CA LEU A 228 -5.87 5.14 -35.72
C LEU A 228 -4.70 4.21 -35.43
N LEU A 229 -4.98 2.99 -34.96
CA LEU A 229 -3.87 2.10 -34.60
C LEU A 229 -3.10 1.65 -35.84
N ILE A 230 -3.80 1.32 -36.93
CA ILE A 230 -3.10 0.94 -38.15
C ILE A 230 -2.29 2.12 -38.67
N ARG A 231 -2.81 3.35 -38.52
CA ARG A 231 -2.10 4.54 -38.96
C ARG A 231 -0.83 4.76 -38.14
N GLY A 232 -0.93 4.65 -36.81
CA GLY A 232 0.26 4.76 -35.99
C GLY A 232 1.32 3.74 -36.33
N LEU A 233 0.90 2.51 -36.61
CA LEU A 233 1.85 1.47 -37.03
C LEU A 233 2.47 1.84 -38.38
N GLU A 234 1.68 2.43 -39.28
CA GLU A 234 2.21 2.94 -40.53
C GLU A 234 3.28 4.00 -40.30
N ILE A 235 3.05 4.90 -39.34
CA ILE A 235 4.06 5.90 -38.99
C ILE A 235 5.33 5.23 -38.49
N CYS A 236 5.18 4.17 -37.70
CA CYS A 236 6.36 3.44 -37.22
C CYS A 236 7.16 2.88 -38.39
N ASN A 237 6.47 2.27 -39.36
CA ASN A 237 7.18 1.68 -40.49
C ASN A 237 7.70 2.73 -41.46
N GLU A 238 7.08 3.91 -41.50
CA GLU A 238 7.53 4.98 -42.40
C GLU A 238 8.92 5.49 -42.02
N GLU A 239 9.34 5.33 -40.77
CA GLU A 239 10.63 5.80 -40.31
C GLU A 239 11.54 4.63 -39.96
N ASP A 244 10.48 -3.33 -33.12
CA ASP A 244 11.05 -3.79 -31.86
C ASP A 244 11.04 -2.64 -30.83
N ASP A 245 10.26 -1.61 -31.15
CA ASP A 245 10.09 -0.48 -30.25
C ASP A 245 9.02 -0.79 -29.21
N ASP A 246 9.12 -0.14 -28.05
CA ASP A 246 8.14 -0.38 -27.00
C ASP A 246 6.78 0.21 -27.34
N GLY A 247 6.70 1.12 -28.30
CA GLY A 247 5.43 1.63 -28.78
C GLY A 247 4.70 0.63 -29.67
N ARG A 248 5.46 -0.04 -30.55
CA ARG A 248 4.88 -1.09 -31.37
C ARG A 248 4.22 -2.16 -30.51
N SER A 249 4.76 -2.43 -29.32
CA SER A 249 4.15 -3.34 -28.37
C SER A 249 2.69 -2.99 -28.15
N ARG A 250 2.45 -1.82 -27.57
CA ARG A 250 1.08 -1.41 -27.25
C ARG A 250 0.22 -1.25 -28.50
N LEU A 251 0.83 -0.86 -29.63
CA LEU A 251 0.04 -0.70 -30.84
C LEU A 251 -0.48 -2.05 -31.34
N HIS A 252 0.43 -3.02 -31.50
CA HIS A 252 0.04 -4.40 -31.79
C HIS A 252 -0.96 -4.91 -30.76
N HIS A 253 -0.75 -4.55 -29.49
CA HIS A 253 -1.60 -5.02 -28.40
C HIS A 253 -3.04 -4.59 -28.61
N ASN A 254 -3.27 -3.28 -28.69
CA ASN A 254 -4.63 -2.77 -28.84
C ASN A 254 -5.21 -3.09 -30.21
N LEU A 255 -4.36 -3.29 -31.22
CA LEU A 255 -4.84 -3.77 -32.51
C LEU A 255 -5.40 -5.18 -32.40
N GLY A 256 -4.65 -6.09 -31.77
CA GLY A 256 -5.20 -7.41 -31.51
C GLY A 256 -6.46 -7.37 -30.67
N ASN A 257 -6.54 -6.42 -29.74
CA ASN A 257 -7.73 -6.33 -28.90
C ASN A 257 -8.95 -5.89 -29.71
N VAL A 258 -8.78 -4.88 -30.57
CA VAL A 258 -9.91 -4.44 -31.38
C VAL A 258 -10.26 -5.48 -32.44
N TYR A 259 -9.27 -6.15 -33.01
CA TYR A 259 -9.52 -7.25 -33.93
C TYR A 259 -10.34 -8.35 -33.27
N MSE A 260 -9.96 -8.77 -32.06
CA MSE A 260 -10.67 -9.85 -31.41
C MSE A 260 -12.04 -9.36 -30.97
O MSE A 260 -12.93 -10.17 -30.68
CB MSE A 260 -9.89 -10.40 -30.20
CG MSE A 260 -9.84 -9.52 -28.97
SE MSE A 260 -9.53 -10.58 -27.37
CE MSE A 260 -10.80 -12.00 -27.74
N GLU A 261 -12.22 -8.04 -30.90
CA GLU A 261 -13.58 -7.54 -30.76
C GLU A 261 -14.36 -7.61 -32.07
N LEU A 262 -13.69 -7.44 -33.21
CA LEU A 262 -14.32 -7.59 -34.52
C LEU A 262 -14.42 -9.05 -34.96
N ARG A 263 -14.10 -9.97 -34.05
CA ARG A 263 -14.24 -11.42 -34.23
C ARG A 263 -13.23 -12.04 -35.19
N MSE A 264 -12.39 -11.25 -35.84
CA MSE A 264 -11.33 -11.83 -36.68
C MSE A 264 -10.20 -12.38 -35.81
O MSE A 264 -9.25 -11.66 -35.48
CB MSE A 264 -10.80 -10.80 -37.68
CG MSE A 264 -11.81 -10.39 -38.74
SE MSE A 264 -11.68 -8.52 -39.26
CE MSE A 264 -10.81 -8.76 -40.99
N TRP A 265 -10.32 -13.66 -35.45
CA TRP A 265 -9.44 -14.23 -34.43
C TRP A 265 -8.00 -14.34 -34.92
N ASP A 266 -7.79 -14.95 -36.08
CA ASP A 266 -6.43 -15.20 -36.56
C ASP A 266 -5.61 -13.92 -36.65
N LYS A 267 -6.24 -12.82 -37.07
CA LYS A 267 -5.53 -11.55 -37.17
C LYS A 267 -5.23 -11.01 -35.76
N SER A 268 -6.20 -11.13 -34.85
CA SER A 268 -5.98 -10.79 -33.47
C SER A 268 -4.92 -11.68 -32.83
N ARG A 269 -4.97 -12.98 -33.15
CA ARG A 269 -3.94 -13.90 -32.68
C ARG A 269 -2.56 -13.42 -33.11
N GLU A 270 -2.41 -13.05 -34.38
CA GLU A 270 -1.11 -12.58 -34.87
C GLU A 270 -0.65 -11.35 -34.10
N HIS A 271 -1.55 -10.38 -33.91
CA HIS A 271 -1.13 -9.11 -33.31
C HIS A 271 -0.79 -9.29 -31.83
N ILE A 272 -1.65 -9.98 -31.08
CA ILE A 272 -1.35 -10.30 -29.69
C ILE A 272 -0.06 -11.08 -29.58
N GLU A 273 0.15 -12.02 -30.50
CA GLU A 273 1.34 -12.85 -30.48
C GLU A 273 2.60 -12.01 -30.64
N GLN A 274 2.58 -11.03 -31.55
CA GLN A 274 3.80 -10.24 -31.68
C GLN A 274 3.96 -9.24 -30.55
N ASP A 275 2.86 -8.76 -29.96
CA ASP A 275 3.01 -7.97 -28.73
C ASP A 275 3.74 -8.77 -27.65
N ILE A 276 3.39 -10.05 -27.52
CA ILE A 276 4.08 -10.92 -26.57
C ILE A 276 5.55 -11.04 -26.94
N ILE A 277 5.84 -11.37 -28.21
CA ILE A 277 7.22 -11.53 -28.65
C ILE A 277 8.05 -10.30 -28.36
N ILE A 278 7.52 -9.12 -28.72
CA ILE A 278 8.28 -7.89 -28.56
C ILE A 278 8.51 -7.61 -27.07
N CYS A 279 7.54 -7.92 -26.22
CA CYS A 279 7.76 -7.74 -24.79
C CYS A 279 8.81 -8.72 -24.27
N LYS A 280 8.88 -9.93 -24.83
CA LYS A 280 9.94 -10.85 -24.47
C LYS A 280 11.31 -10.32 -24.87
N LYS A 281 11.39 -9.70 -26.05
CA LYS A 281 12.69 -9.19 -26.49
C LYS A 281 13.13 -8.01 -25.62
N ILE A 282 12.26 -7.01 -25.44
CA ILE A 282 12.58 -5.87 -24.59
C ILE A 282 12.78 -6.26 -23.13
N GLU A 283 12.37 -7.47 -22.75
CA GLU A 283 12.36 -7.91 -21.35
C GLU A 283 11.48 -7.00 -20.50
N HIS A 284 10.26 -6.77 -20.98
CA HIS A 284 9.24 -6.00 -20.27
C HIS A 284 8.28 -7.01 -19.66
N ARG A 285 8.52 -7.35 -18.39
CA ARG A 285 7.84 -8.47 -17.77
C ARG A 285 6.34 -8.23 -17.65
N GLN A 286 5.96 -7.11 -17.02
CA GLN A 286 4.54 -6.74 -16.96
C GLN A 286 3.92 -6.68 -18.35
N GLY A 287 4.67 -6.17 -19.33
CA GLY A 287 4.25 -6.18 -20.72
C GLY A 287 3.78 -7.52 -21.22
N GLU A 288 4.62 -8.55 -21.14
CA GLU A 288 4.19 -9.85 -21.64
C GLU A 288 3.21 -10.51 -20.69
N ALA A 289 3.12 -10.06 -19.44
CA ALA A 289 2.02 -10.54 -18.59
C ALA A 289 0.68 -10.07 -19.15
N LYS A 290 0.64 -8.85 -19.69
CA LYS A 290 -0.59 -8.35 -20.28
C LYS A 290 -0.82 -8.96 -21.66
N GLY A 291 0.26 -9.31 -22.35
CA GLY A 291 0.09 -9.96 -23.63
C GLY A 291 -0.41 -11.38 -23.48
N TYR A 292 0.06 -12.08 -22.45
CA TYR A 292 -0.44 -13.42 -22.18
C TYR A 292 -1.87 -13.38 -21.67
N ILE A 293 -2.22 -12.38 -20.84
CA ILE A 293 -3.60 -12.34 -20.36
C ILE A 293 -4.55 -12.07 -21.52
N ASN A 294 -4.11 -11.31 -22.53
CA ASN A 294 -5.02 -11.08 -23.65
C ASN A 294 -5.03 -12.25 -24.64
N LEU A 295 -3.90 -12.96 -24.79
CA LEU A 295 -3.94 -14.19 -25.58
C LEU A 295 -4.83 -15.23 -24.92
N GLY A 296 -4.84 -15.26 -23.59
CA GLY A 296 -5.76 -16.14 -22.88
C GLY A 296 -7.20 -15.73 -23.08
N GLU A 297 -7.47 -14.41 -23.12
CA GLU A 297 -8.82 -13.96 -23.45
C GLU A 297 -9.23 -14.42 -24.84
N LEU A 298 -8.33 -14.30 -25.81
CA LEU A 298 -8.58 -14.81 -27.16
C LEU A 298 -9.01 -16.27 -27.11
N HIS A 299 -8.19 -17.12 -26.47
CA HIS A 299 -8.53 -18.54 -26.41
C HIS A 299 -9.81 -18.80 -25.63
N TYR A 300 -10.14 -17.95 -24.66
CA TYR A 300 -11.34 -18.19 -23.86
C TYR A 300 -12.60 -17.88 -24.65
N ARG A 301 -12.60 -16.79 -25.42
CA ARG A 301 -13.79 -16.47 -26.19
C ARG A 301 -14.07 -17.45 -27.33
N VAL A 302 -13.11 -18.31 -27.67
CA VAL A 302 -13.24 -19.22 -28.81
C VAL A 302 -13.27 -20.68 -28.34
N GLN A 303 -13.58 -20.89 -27.06
CA GLN A 303 -13.88 -22.18 -26.43
C GLN A 303 -12.64 -23.02 -26.15
N LYS A 304 -11.43 -22.46 -26.29
CA LYS A 304 -10.19 -23.21 -26.05
C LYS A 304 -9.70 -22.91 -24.65
N TYR A 305 -10.25 -23.66 -23.67
CA TYR A 305 -10.04 -23.32 -22.26
C TYR A 305 -8.69 -23.79 -21.73
N ASP A 306 -8.19 -24.94 -22.19
CA ASP A 306 -6.92 -25.43 -21.67
C ASP A 306 -5.77 -24.50 -22.08
N GLU A 307 -5.82 -24.00 -23.32
CA GLU A 307 -4.86 -22.99 -23.74
C GLU A 307 -5.04 -21.70 -22.96
N ALA A 308 -6.29 -21.36 -22.62
CA ALA A 308 -6.54 -20.15 -21.85
C ALA A 308 -5.90 -20.23 -20.47
N ILE A 309 -6.06 -21.36 -19.79
CA ILE A 309 -5.44 -21.48 -18.47
C ILE A 309 -3.93 -21.56 -18.59
N LEU A 310 -3.42 -22.09 -19.70
CA LEU A 310 -1.97 -22.08 -19.90
C LEU A 310 -1.44 -20.65 -19.99
N CYS A 311 -2.10 -19.82 -20.80
CA CYS A 311 -1.64 -18.43 -20.96
C CYS A 311 -1.85 -17.64 -19.67
N TYR A 312 -2.89 -17.98 -18.91
CA TYR A 312 -3.15 -17.26 -17.67
C TYR A 312 -2.12 -17.64 -16.59
N GLN A 313 -1.70 -18.91 -16.55
CA GLN A 313 -0.68 -19.30 -15.59
C GLN A 313 0.66 -18.68 -15.94
N LYS A 314 0.95 -18.59 -17.24
CA LYS A 314 2.18 -17.95 -17.69
C LYS A 314 2.20 -16.47 -17.30
N ALA A 315 1.07 -15.78 -17.53
CA ALA A 315 0.95 -14.39 -17.12
C ALA A 315 1.05 -14.24 -15.61
N LEU A 316 0.49 -15.20 -14.86
CA LEU A 316 0.60 -15.17 -13.41
C LEU A 316 2.06 -15.24 -12.97
N ASN A 317 2.82 -16.16 -13.55
CA ASN A 317 4.23 -16.27 -13.18
C ASN A 317 4.99 -15.00 -13.52
N LEU A 318 4.64 -14.35 -14.63
CA LEU A 318 5.26 -13.06 -14.92
C LEU A 318 4.90 -12.02 -13.87
N ALA A 319 3.62 -11.94 -13.49
CA ALA A 319 3.18 -10.92 -12.53
C ALA A 319 3.75 -11.17 -11.15
N GLN A 320 3.83 -12.43 -10.72
CA GLN A 320 4.28 -12.76 -9.38
C GLN A 320 5.78 -12.62 -9.20
N SER A 321 6.52 -12.30 -10.26
CA SER A 321 7.96 -12.06 -10.16
C SER A 321 8.29 -10.61 -9.86
N MSE A 322 7.28 -9.76 -9.74
CA MSE A 322 7.49 -8.35 -9.40
C MSE A 322 6.84 -8.06 -8.05
O MSE A 322 5.79 -8.59 -7.73
CB MSE A 322 6.92 -7.45 -10.47
CG MSE A 322 7.63 -7.57 -11.80
SE MSE A 322 6.75 -6.61 -13.23
CE MSE A 322 5.27 -7.84 -13.53
N GLU A 323 7.49 -7.19 -7.26
CA GLU A 323 7.09 -7.04 -5.87
C GLU A 323 5.78 -6.27 -5.73
N ASP A 324 5.48 -5.34 -6.63
CA ASP A 324 4.35 -4.44 -6.45
C ASP A 324 3.34 -4.52 -7.59
N GLU A 325 3.25 -5.66 -8.25
CA GLU A 325 2.19 -5.91 -9.24
C GLU A 325 1.12 -6.85 -8.69
N ASP A 326 0.68 -6.62 -7.47
CA ASP A 326 -0.23 -7.55 -6.80
C ASP A 326 -1.61 -7.58 -7.47
N ALA A 327 -2.12 -6.41 -7.85
CA ALA A 327 -3.48 -6.34 -8.41
C ALA A 327 -3.59 -7.09 -9.73
N LEU A 328 -2.57 -6.96 -10.59
CA LEU A 328 -2.58 -7.71 -11.84
C LEU A 328 -2.59 -9.21 -11.57
N ALA A 329 -1.80 -9.66 -10.59
CA ALA A 329 -1.78 -11.09 -10.28
C ALA A 329 -3.12 -11.54 -9.71
N SER A 330 -3.84 -10.65 -9.02
CA SER A 330 -5.14 -11.03 -8.49
C SER A 330 -6.20 -11.10 -9.59
N GLN A 331 -6.11 -10.20 -10.58
CA GLN A 331 -7.02 -10.32 -11.72
C GLN A 331 -6.71 -11.56 -12.56
N ILE A 332 -5.44 -11.96 -12.61
CA ILE A 332 -5.08 -13.19 -13.33
C ILE A 332 -5.64 -14.41 -12.60
N ASP A 333 -5.51 -14.45 -11.27
CA ASP A 333 -6.14 -15.51 -10.49
C ASP A 333 -7.64 -15.55 -10.74
N GLN A 334 -8.27 -14.38 -10.77
CA GLN A 334 -9.71 -14.29 -11.00
C GLN A 334 -10.08 -14.86 -12.37
N ASN A 335 -9.30 -14.54 -13.39
CA ASN A 335 -9.54 -15.10 -14.71
C ASN A 335 -9.38 -16.62 -14.72
N ILE A 336 -8.36 -17.13 -14.02
CA ILE A 336 -8.12 -18.57 -14.01
C ILE A 336 -9.30 -19.30 -13.42
N GLU A 337 -9.87 -18.75 -12.34
CA GLU A 337 -11.02 -19.45 -11.78
C GLU A 337 -12.29 -19.23 -12.61
N THR A 338 -12.40 -18.09 -13.31
CA THR A 338 -13.53 -17.93 -14.22
C THR A 338 -13.51 -18.99 -15.31
N VAL A 339 -12.33 -19.27 -15.88
CA VAL A 339 -12.24 -20.31 -16.91
C VAL A 339 -12.48 -21.69 -16.31
N LYS A 340 -11.98 -21.93 -15.10
CA LYS A 340 -12.26 -23.19 -14.42
C LYS A 340 -13.77 -23.41 -14.28
N LYS A 341 -14.51 -22.35 -13.95
CA LYS A 341 -15.95 -22.48 -13.78
C LYS A 341 -16.66 -22.67 -15.12
N ALA A 342 -16.19 -21.98 -16.15
CA ALA A 342 -16.74 -22.17 -17.49
C ALA A 342 -16.54 -23.59 -17.99
N ILE A 343 -15.50 -24.27 -17.51
CA ILE A 343 -15.29 -25.65 -17.93
C ILE A 343 -16.41 -26.56 -17.43
N GLU A 344 -16.79 -26.40 -16.16
CA GLU A 344 -17.95 -27.13 -15.65
C GLU A 344 -19.21 -26.74 -16.42
N VAL A 345 -19.35 -25.46 -16.78
CA VAL A 345 -20.53 -25.06 -17.54
C VAL A 345 -20.57 -25.79 -18.88
N MSE A 346 -19.43 -25.94 -19.53
CA MSE A 346 -19.34 -26.70 -20.79
C MSE A 346 -19.67 -28.18 -20.62
O MSE A 346 -20.29 -28.80 -21.51
CB MSE A 346 -17.95 -26.56 -21.40
CG MSE A 346 -17.88 -25.62 -22.57
SE MSE A 346 -18.70 -26.43 -24.15
CE MSE A 346 -17.85 -25.34 -25.52
N ASP A 347 -19.24 -28.75 -19.50
CA ASP A 347 -19.62 -30.14 -19.23
C ASP A 347 -21.12 -30.28 -19.07
N GLU A 348 -21.76 -29.31 -18.40
CA GLU A 348 -23.21 -29.32 -18.32
C GLU A 348 -23.83 -29.22 -19.71
N LEU A 349 -23.29 -28.33 -20.54
CA LEU A 349 -23.69 -28.23 -21.95
C LEU A 349 -23.72 -29.62 -22.60
N LYS A 350 -22.59 -30.33 -22.54
CA LYS A 350 -22.48 -31.57 -23.29
C LYS A 350 -23.40 -32.65 -22.72
N LYS A 351 -23.60 -32.67 -21.40
CA LYS A 351 -24.53 -33.64 -20.84
C LYS A 351 -25.95 -33.37 -21.31
N GLU A 352 -26.37 -32.10 -21.31
CA GLU A 352 -27.72 -31.81 -21.80
C GLU A 352 -27.84 -32.04 -23.30
N GLU A 353 -26.75 -31.87 -24.05
CA GLU A 353 -26.77 -32.25 -25.46
C GLU A 353 -27.06 -33.74 -25.63
N GLN A 354 -26.42 -34.59 -24.82
CA GLN A 354 -26.73 -36.02 -24.89
C GLN A 354 -28.20 -36.29 -24.53
N ASN A 355 -28.70 -35.61 -23.49
CA ASN A 355 -30.11 -35.72 -23.15
C ASN A 355 -31.00 -35.34 -24.34
N LEU A 356 -30.62 -34.28 -25.06
CA LEU A 356 -31.37 -33.86 -26.24
C LEU A 356 -31.35 -34.94 -27.32
N LYS A 357 -30.20 -35.58 -27.54
CA LYS A 357 -30.18 -36.68 -28.51
C LYS A 357 -31.16 -37.77 -28.11
N LYS A 358 -31.29 -38.03 -26.82
CA LYS A 358 -32.23 -39.07 -26.40
C LYS A 358 -33.67 -38.64 -26.67
N LEU A 359 -34.00 -37.40 -26.32
CA LEU A 359 -35.34 -36.92 -26.60
C LEU A 359 -35.64 -36.90 -28.10
N THR A 360 -34.64 -36.62 -28.93
CA THR A 360 -34.85 -36.67 -30.38
C THR A 360 -35.17 -38.09 -30.84
N ARG A 361 -34.55 -39.09 -30.22
CA ARG A 361 -34.89 -40.44 -30.65
C ARG A 361 -36.25 -40.86 -30.12
N ASN A 362 -36.68 -40.21 -29.03
CA ASN A 362 -38.00 -40.52 -28.49
C ASN A 362 -39.09 -39.89 -29.35
N MSE A 363 -38.85 -38.70 -29.89
CA MSE A 363 -39.84 -38.11 -30.79
C MSE A 363 -39.86 -38.85 -32.12
O MSE A 363 -40.92 -38.98 -32.74
CB MSE A 363 -39.60 -36.62 -31.04
CG MSE A 363 -38.56 -36.31 -32.12
SE MSE A 363 -38.78 -34.54 -32.90
CE MSE A 363 -40.36 -34.89 -33.99
N ILE A 364 -38.71 -39.35 -32.59
CA ILE A 364 -38.72 -40.08 -33.85
C ILE A 364 -39.58 -41.32 -33.74
N ILE A 365 -39.54 -41.98 -32.57
CA ILE A 365 -40.37 -43.17 -32.45
C ILE A 365 -41.82 -42.84 -32.09
N ALA A 366 -42.08 -41.76 -31.37
CA ALA A 366 -43.45 -41.44 -31.00
C ALA A 366 -44.05 -40.35 -31.89
N LYS A 367 -44.01 -40.51 -33.21
CA LYS A 367 -44.56 -39.49 -34.10
C LYS A 367 -46.02 -39.79 -34.39
N GLY A 368 -46.86 -38.76 -34.32
CA GLY A 368 -48.28 -38.90 -34.53
C GLY A 368 -49.04 -39.54 -33.39
N THR A 369 -48.33 -40.04 -32.38
CA THR A 369 -48.90 -40.72 -31.22
C THR A 369 -49.50 -39.80 -30.19
N SER A 370 -49.26 -38.49 -30.29
CA SER A 370 -49.66 -37.46 -29.31
C SER A 370 -48.66 -37.43 -28.19
N GLN A 371 -47.72 -38.34 -28.25
CA GLN A 371 -46.51 -38.29 -27.46
C GLN A 371 -45.52 -37.47 -28.26
N GLU A 372 -45.88 -37.18 -29.50
CA GLU A 372 -45.08 -36.33 -30.37
C GLU A 372 -45.05 -34.91 -29.83
N ARG A 373 -46.20 -34.40 -29.42
CA ARG A 373 -46.25 -33.06 -28.86
C ARG A 373 -45.58 -33.02 -27.49
N LYS A 374 -45.74 -34.08 -26.70
CA LYS A 374 -45.12 -34.12 -25.37
C LYS A 374 -43.60 -34.12 -25.49
N SER A 375 -43.06 -35.01 -26.32
CA SER A 375 -41.62 -35.03 -26.58
C SER A 375 -41.16 -33.74 -27.25
N LEU A 376 -42.04 -33.07 -27.98
CA LEU A 376 -41.65 -31.82 -28.61
C LEU A 376 -41.47 -30.73 -27.56
N LEU A 377 -42.38 -30.67 -26.57
CA LEU A 377 -42.21 -29.67 -25.51
C LEU A 377 -41.05 -30.03 -24.59
N GLN A 378 -40.78 -31.33 -24.40
CA GLN A 378 -39.60 -31.74 -23.66
C GLN A 378 -38.33 -31.28 -24.38
N GLN A 379 -38.36 -31.34 -25.71
CA GLN A 379 -37.24 -30.91 -26.52
C GLN A 379 -37.07 -29.39 -26.45
N ASN A 380 -38.19 -28.67 -26.40
CA ASN A 380 -38.14 -27.22 -26.20
C ASN A 380 -37.50 -26.87 -24.85
N ALA A 381 -37.83 -27.63 -23.81
CA ALA A 381 -37.27 -27.34 -22.48
C ALA A 381 -35.77 -27.58 -22.47
N SER A 382 -35.34 -28.72 -23.02
CA SER A 382 -33.91 -28.98 -23.15
C SER A 382 -33.22 -27.86 -23.93
N LEU A 383 -33.84 -27.40 -25.02
CA LEU A 383 -33.24 -26.35 -25.83
C LEU A 383 -33.14 -25.04 -25.06
N ASP A 384 -34.09 -24.77 -24.16
CA ASP A 384 -34.02 -23.53 -23.37
C ASP A 384 -32.87 -23.60 -22.37
N CYS A 385 -32.79 -24.71 -21.61
CA CYS A 385 -31.61 -24.92 -20.77
C CYS A 385 -30.33 -24.77 -21.58
N LEU A 386 -30.34 -25.25 -22.83
CA LEU A 386 -29.13 -25.27 -23.64
C LEU A 386 -28.74 -23.86 -24.09
N ILE A 387 -29.72 -23.02 -24.45
CA ILE A 387 -29.36 -21.65 -24.82
C ILE A 387 -28.89 -20.89 -23.59
N GLU A 388 -29.43 -21.21 -22.42
CA GLU A 388 -29.00 -20.52 -21.20
C GLU A 388 -27.54 -20.84 -20.90
N LYS A 389 -27.18 -22.14 -20.90
CA LYS A 389 -25.79 -22.49 -20.65
C LYS A 389 -24.87 -21.98 -21.76
N SER A 390 -25.30 -22.06 -23.03
CA SER A 390 -24.47 -21.59 -24.12
C SER A 390 -24.24 -20.08 -24.07
N SER A 391 -25.09 -19.33 -23.36
CA SER A 391 -24.93 -17.88 -23.31
C SER A 391 -24.14 -17.40 -22.09
N MSE A 392 -23.94 -18.25 -21.08
CA MSE A 392 -23.06 -17.89 -19.96
C MSE A 392 -21.64 -17.77 -20.46
O MSE A 392 -21.05 -16.69 -20.48
CB MSE A 392 -23.13 -18.91 -18.83
CG MSE A 392 -24.49 -19.04 -18.18
SE MSE A 392 -24.36 -20.15 -16.59
CE MSE A 392 -26.26 -20.53 -16.33
N ILE A 393 -21.08 -18.91 -20.87
CA ILE A 393 -19.90 -18.87 -21.72
C ILE A 393 -20.28 -18.16 -23.03
N PHE A 394 -19.26 -17.66 -23.71
CA PHE A 394 -19.53 -16.82 -24.88
C PHE A 394 -19.45 -17.64 -26.16
N ALA A 395 -20.20 -18.73 -26.20
CA ALA A 395 -20.22 -19.67 -27.32
C ALA A 395 -21.45 -19.41 -28.17
N TRP A 396 -21.41 -18.30 -28.90
CA TRP A 396 -22.59 -17.78 -29.59
C TRP A 396 -22.98 -18.60 -30.80
N LEU A 397 -22.08 -19.41 -31.36
CA LEU A 397 -22.44 -20.24 -32.51
C LEU A 397 -23.33 -21.39 -32.08
N LYS A 398 -22.97 -22.07 -30.99
CA LYS A 398 -23.86 -23.07 -30.40
C LYS A 398 -25.19 -22.43 -30.00
N HIS A 399 -25.14 -21.18 -29.54
CA HIS A 399 -26.35 -20.45 -29.21
C HIS A 399 -27.26 -20.30 -30.42
N CYS A 400 -26.69 -19.91 -31.56
CA CYS A 400 -27.46 -19.80 -32.80
C CYS A 400 -28.05 -21.14 -33.20
N GLU A 401 -27.24 -22.20 -33.11
CA GLU A 401 -27.74 -23.56 -33.36
C GLU A 401 -29.00 -23.85 -32.56
N TYR A 402 -28.90 -23.71 -31.24
CA TYR A 402 -30.03 -24.06 -30.37
C TYR A 402 -31.22 -23.15 -30.61
N ALA A 403 -30.98 -21.85 -30.83
CA ALA A 403 -32.06 -20.92 -31.11
C ALA A 403 -32.84 -21.32 -32.36
N LYS A 404 -32.11 -21.58 -33.45
CA LYS A 404 -32.76 -21.98 -34.69
C LYS A 404 -33.58 -23.27 -34.52
N ARG A 405 -33.01 -24.27 -33.83
CA ARG A 405 -33.79 -25.50 -33.65
C ARG A 405 -34.98 -25.30 -32.74
N LYS A 406 -34.90 -24.34 -31.81
CA LYS A 406 -36.07 -23.98 -30.99
C LYS A 406 -37.13 -23.35 -31.86
N LYS A 407 -36.72 -22.53 -32.83
CA LYS A 407 -37.72 -21.91 -33.69
C LYS A 407 -38.38 -22.94 -34.58
N ARG A 408 -37.62 -23.93 -35.07
CA ARG A 408 -38.23 -24.95 -35.91
C ARG A 408 -39.25 -25.77 -35.13
N ILE A 409 -38.98 -26.03 -33.85
CA ILE A 409 -39.93 -26.85 -33.10
C ILE A 409 -41.01 -26.02 -32.44
N ALA A 410 -40.86 -24.70 -32.40
CA ALA A 410 -41.98 -23.83 -32.06
C ALA A 410 -42.93 -23.69 -33.24
N SER A 411 -42.39 -23.52 -34.44
CA SER A 411 -43.24 -23.41 -35.63
C SER A 411 -44.01 -24.70 -35.87
N GLU A 412 -43.35 -25.85 -35.69
CA GLU A 412 -44.08 -27.11 -35.84
C GLU A 412 -45.18 -27.23 -34.79
N LEU A 413 -44.89 -26.81 -33.56
CA LEU A 413 -45.84 -26.91 -32.46
C LEU A 413 -46.94 -25.85 -32.52
N CYS A 414 -46.92 -24.99 -33.54
CA CYS A 414 -47.92 -23.93 -33.72
C CYS A 414 -48.15 -23.14 -32.44
N ASP A 415 -47.06 -22.62 -31.89
CA ASP A 415 -47.08 -21.76 -30.71
C ASP A 415 -46.55 -20.39 -31.09
N LYS A 416 -47.36 -19.35 -30.86
CA LYS A 416 -46.90 -18.00 -31.18
C LYS A 416 -45.88 -17.49 -30.15
N GLY A 417 -46.12 -17.77 -28.87
CA GLY A 417 -45.23 -17.33 -27.81
C GLY A 417 -43.82 -17.91 -27.87
N LYS A 418 -43.74 -19.25 -27.88
CA LYS A 418 -42.43 -19.90 -28.01
C LYS A 418 -41.71 -19.44 -29.27
N LEU A 419 -42.47 -19.24 -30.34
CA LEU A 419 -41.87 -18.81 -31.61
C LEU A 419 -41.35 -17.39 -31.51
N SER A 420 -42.02 -16.52 -30.75
CA SER A 420 -41.52 -15.16 -30.53
C SER A 420 -40.26 -15.19 -29.68
N ASP A 421 -40.24 -16.05 -28.65
CA ASP A 421 -39.05 -16.18 -27.82
C ASP A 421 -37.87 -16.70 -28.64
N SER A 422 -38.09 -17.75 -29.42
CA SER A 422 -37.05 -18.27 -30.30
C SER A 422 -36.61 -17.21 -31.31
N PHE A 423 -37.51 -16.30 -31.69
CA PHE A 423 -37.09 -15.22 -32.58
C PHE A 423 -36.19 -14.23 -31.86
N LEU A 424 -36.54 -13.89 -30.61
CA LEU A 424 -35.68 -13.02 -29.80
C LEU A 424 -34.29 -13.63 -29.62
N VAL A 425 -34.24 -14.91 -29.24
CA VAL A 425 -32.95 -15.53 -28.95
C VAL A 425 -32.13 -15.70 -30.23
N ILE A 426 -32.77 -15.97 -31.38
CA ILE A 426 -31.98 -16.04 -32.61
C ILE A 426 -31.48 -14.66 -33.01
N GLY A 427 -32.25 -13.61 -32.69
CA GLY A 427 -31.78 -12.27 -33.00
C GLY A 427 -30.62 -11.84 -32.13
N GLU A 428 -30.68 -12.18 -30.84
CA GLU A 428 -29.54 -11.91 -29.95
C GLU A 428 -28.32 -12.72 -30.37
N SER A 429 -28.51 -14.01 -30.68
CA SER A 429 -27.42 -14.81 -31.21
C SER A 429 -26.80 -14.18 -32.44
N TYR A 430 -27.61 -13.54 -33.29
CA TYR A 430 -27.05 -12.96 -34.51
C TYR A 430 -26.34 -11.64 -34.24
N GLN A 431 -26.86 -10.83 -33.31
CA GLN A 431 -26.17 -9.59 -32.96
C GLN A 431 -24.82 -9.89 -32.32
N LYS A 432 -24.78 -10.86 -31.39
CA LYS A 432 -23.53 -11.15 -30.70
C LYS A 432 -22.47 -11.73 -31.63
N LEU A 433 -22.85 -12.20 -32.82
CA LEU A 433 -21.89 -12.53 -33.87
C LEU A 433 -21.42 -11.32 -34.65
N ARG A 434 -21.99 -10.13 -34.38
CA ARG A 434 -21.75 -8.94 -35.18
C ARG A 434 -22.27 -9.13 -36.61
N LYS A 435 -23.43 -9.78 -36.72
CA LYS A 435 -24.16 -9.95 -37.97
C LYS A 435 -25.39 -9.05 -37.84
N PHE A 436 -25.16 -7.75 -38.03
CA PHE A 436 -26.13 -6.75 -37.57
C PHE A 436 -27.41 -6.73 -38.40
N ASN A 437 -27.28 -6.81 -39.73
CA ASN A 437 -28.47 -6.80 -40.58
C ASN A 437 -29.35 -8.02 -40.32
N LYS A 438 -28.74 -9.20 -40.24
CA LYS A 438 -29.50 -10.40 -39.92
C LYS A 438 -30.12 -10.27 -38.53
N ALA A 439 -29.42 -9.57 -37.63
CA ALA A 439 -29.92 -9.37 -36.28
C ALA A 439 -31.16 -8.49 -36.29
N ILE A 440 -31.14 -7.38 -37.03
CA ILE A 440 -32.31 -6.51 -37.04
C ILE A 440 -33.47 -7.16 -37.77
N LYS A 441 -33.19 -8.04 -38.74
CA LYS A 441 -34.30 -8.72 -39.40
C LYS A 441 -34.98 -9.69 -38.44
N TRP A 442 -34.19 -10.44 -37.66
CA TRP A 442 -34.81 -11.35 -36.70
C TRP A 442 -35.44 -10.59 -35.54
N TYR A 443 -34.88 -9.42 -35.19
CA TYR A 443 -35.43 -8.64 -34.09
C TYR A 443 -36.78 -8.04 -34.46
N THR A 444 -36.93 -7.55 -35.71
CA THR A 444 -38.22 -7.07 -36.15
C THR A 444 -39.20 -8.24 -36.32
N LYS A 445 -38.72 -9.40 -36.74
CA LYS A 445 -39.57 -10.59 -36.76
C LYS A 445 -40.16 -10.86 -35.37
N SER A 446 -39.31 -10.81 -34.34
CA SER A 446 -39.79 -11.06 -32.98
C SER A 446 -40.69 -9.95 -32.49
N TRP A 447 -40.40 -8.70 -32.84
CA TRP A 447 -41.25 -7.58 -32.45
C TRP A 447 -42.65 -7.72 -33.04
N GLU A 448 -42.73 -7.99 -34.34
CA GLU A 448 -44.02 -8.10 -34.98
C GLU A 448 -44.78 -9.34 -34.57
N MSE A 449 -44.08 -10.39 -34.12
CA MSE A 449 -44.79 -11.55 -33.60
C MSE A 449 -45.31 -11.29 -32.18
O MSE A 449 -46.38 -11.77 -31.80
CB MSE A 449 -43.89 -12.78 -33.63
CG MSE A 449 -44.61 -14.09 -33.34
SE MSE A 449 -45.78 -14.69 -34.77
CE MSE A 449 -44.42 -15.38 -35.98
N TYR A 450 -44.53 -10.53 -31.39
CA TYR A 450 -45.00 -10.14 -30.05
C TYR A 450 -46.17 -9.18 -30.10
N LYS A 451 -46.26 -8.35 -31.16
CA LYS A 451 -47.44 -7.50 -31.31
C LYS A 451 -48.71 -8.33 -31.50
N SER A 452 -48.67 -9.30 -32.43
CA SER A 452 -49.85 -10.09 -32.77
C SER A 452 -50.51 -10.72 -31.54
N ILE A 453 -49.73 -11.03 -30.51
CA ILE A 453 -50.29 -11.63 -29.30
C ILE A 453 -50.32 -10.60 -28.19
N GLY A 454 -50.83 -10.99 -27.02
CA GLY A 454 -50.91 -10.07 -25.90
C GLY A 454 -49.63 -9.99 -25.10
N ASN A 455 -48.54 -9.60 -25.76
CA ASN A 455 -47.22 -9.54 -25.15
C ASN A 455 -46.65 -8.15 -25.32
N LEU A 456 -46.51 -7.42 -24.22
CA LEU A 456 -45.85 -6.12 -24.20
C LEU A 456 -44.39 -6.22 -23.78
N GLU A 457 -44.10 -7.11 -22.82
CA GLU A 457 -42.73 -7.44 -22.46
C GLU A 457 -41.88 -7.73 -23.69
N GLY A 458 -42.33 -8.68 -24.52
CA GLY A 458 -41.57 -9.04 -25.70
C GLY A 458 -41.28 -7.87 -26.63
N GLN A 459 -42.27 -6.99 -26.81
CA GLN A 459 -42.05 -5.84 -27.69
C GLN A 459 -41.00 -4.90 -27.10
N ALA A 460 -41.07 -4.68 -25.78
CA ALA A 460 -40.08 -3.84 -25.12
C ALA A 460 -38.68 -4.41 -25.24
N LEU A 461 -38.52 -5.70 -24.88
CA LEU A 461 -37.25 -6.40 -25.04
C LEU A 461 -36.71 -6.29 -26.46
N ALA A 462 -37.52 -6.67 -27.45
CA ALA A 462 -37.10 -6.60 -28.85
C ALA A 462 -36.64 -5.20 -29.22
N LYS A 463 -37.34 -4.17 -28.74
CA LYS A 463 -36.98 -2.79 -29.08
C LYS A 463 -35.64 -2.41 -28.46
N VAL A 464 -35.47 -2.72 -27.16
CA VAL A 464 -34.22 -2.38 -26.48
C VAL A 464 -33.04 -3.03 -27.18
N ASN A 465 -33.10 -4.35 -27.38
CA ASN A 465 -31.98 -5.05 -28.00
C ASN A 465 -31.75 -4.59 -29.45
N MSE A 466 -32.83 -4.23 -30.15
CA MSE A 466 -32.70 -3.71 -31.51
C MSE A 466 -31.92 -2.40 -31.47
O MSE A 466 -31.08 -2.15 -32.35
CB MSE A 466 -34.08 -3.48 -32.11
CG MSE A 466 -34.13 -3.46 -33.62
SE MSE A 466 -35.95 -3.07 -34.20
CE MSE A 466 -36.86 -4.60 -33.44
N GLY A 467 -32.19 -1.59 -30.46
CA GLY A 467 -31.44 -0.36 -30.30
C GLY A 467 -29.98 -0.61 -29.97
N ASN A 468 -29.71 -1.66 -29.19
CA ASN A 468 -28.32 -2.08 -28.97
C ASN A 468 -27.61 -2.37 -30.27
N VAL A 469 -28.26 -3.16 -31.15
CA VAL A 469 -27.68 -3.43 -32.47
C VAL A 469 -27.45 -2.15 -33.23
N LEU A 470 -28.47 -1.28 -33.25
CA LEU A 470 -28.38 -0.01 -33.98
C LEU A 470 -27.17 0.79 -33.53
N ASP A 471 -26.97 0.91 -32.21
CA ASP A 471 -25.80 1.59 -31.68
C ASP A 471 -24.52 0.95 -32.21
N SER A 472 -24.35 -0.35 -31.94
CA SER A 472 -23.11 -1.01 -32.34
C SER A 472 -22.88 -1.00 -33.84
N ASN A 473 -23.90 -0.67 -34.64
CA ASN A 473 -23.73 -0.48 -36.07
C ASN A 473 -23.38 0.94 -36.47
N GLY A 474 -23.47 1.89 -35.54
CA GLY A 474 -23.15 3.29 -35.83
C GLY A 474 -24.32 4.23 -35.89
N ASP A 475 -25.53 3.77 -35.57
CA ASP A 475 -26.73 4.59 -35.56
C ASP A 475 -27.07 5.06 -34.16
N TRP A 476 -26.19 5.88 -33.58
CA TRP A 476 -26.39 6.37 -32.23
C TRP A 476 -27.78 6.97 -32.04
N ALA A 477 -28.32 7.61 -33.07
CA ALA A 477 -29.62 8.28 -32.97
C ALA A 477 -30.76 7.27 -32.89
N GLY A 478 -30.92 6.46 -33.96
CA GLY A 478 -31.94 5.42 -33.93
C GLY A 478 -31.77 4.47 -32.76
N ALA A 479 -30.54 4.28 -32.30
CA ALA A 479 -30.30 3.45 -31.12
C ALA A 479 -30.99 4.02 -29.89
N LEU A 480 -30.71 5.29 -29.57
CA LEU A 480 -31.38 5.86 -28.41
C LEU A 480 -32.88 5.99 -28.63
N ASP A 481 -33.31 6.23 -29.86
CA ASP A 481 -34.75 6.29 -30.13
C ASP A 481 -35.42 4.96 -29.80
N ALA A 482 -34.80 3.86 -30.18
CA ALA A 482 -35.34 2.55 -29.86
C ALA A 482 -35.29 2.29 -28.36
N PHE A 483 -34.22 2.73 -27.69
CA PHE A 483 -34.16 2.61 -26.23
C PHE A 483 -35.34 3.32 -25.58
N GLN A 484 -35.68 4.51 -26.09
CA GLN A 484 -36.74 5.30 -25.47
C GLN A 484 -38.12 4.73 -25.78
N GLU A 485 -38.31 4.19 -26.99
CA GLU A 485 -39.54 3.45 -27.27
C GLU A 485 -39.68 2.25 -26.35
N GLY A 486 -38.57 1.52 -26.13
CA GLY A 486 -38.61 0.42 -25.19
C GLY A 486 -38.99 0.85 -23.80
N TYR A 487 -38.47 1.99 -23.34
CA TYR A 487 -38.94 2.57 -22.08
C TYR A 487 -40.44 2.85 -22.12
N ARG A 488 -40.95 3.31 -23.25
CA ARG A 488 -42.38 3.58 -23.37
C ARG A 488 -43.21 2.33 -23.08
N ILE A 489 -42.95 1.26 -23.83
CA ILE A 489 -43.69 0.02 -23.57
C ILE A 489 -43.43 -0.48 -22.14
N ALA A 490 -42.17 -0.43 -21.71
CA ALA A 490 -41.79 -0.90 -20.37
C ALA A 490 -42.64 -0.24 -19.29
N VAL A 491 -42.72 1.09 -19.31
CA VAL A 491 -43.51 1.80 -18.32
C VAL A 491 -44.99 1.49 -18.52
N GLU A 492 -45.42 1.36 -19.78
CA GLU A 492 -46.83 1.11 -20.05
C GLU A 492 -47.32 -0.25 -19.55
N ALA A 493 -46.42 -1.19 -19.21
CA ALA A 493 -46.89 -2.49 -18.77
C ALA A 493 -46.52 -2.87 -17.34
N ASN A 494 -45.92 -1.96 -16.58
CA ASN A 494 -45.62 -2.17 -15.16
C ASN A 494 -44.68 -3.36 -14.94
N LEU A 495 -43.67 -3.47 -15.81
CA LEU A 495 -42.61 -4.45 -15.63
C LEU A 495 -41.34 -3.72 -15.21
N PRO A 496 -40.88 -3.85 -13.96
CA PRO A 496 -39.82 -2.94 -13.48
C PRO A 496 -38.45 -3.16 -14.11
N SER A 497 -38.06 -4.42 -14.33
CA SER A 497 -36.68 -4.69 -14.73
C SER A 497 -36.42 -4.26 -16.18
N VAL A 498 -37.42 -4.44 -17.06
CA VAL A 498 -37.22 -4.00 -18.44
C VAL A 498 -37.09 -2.47 -18.49
N GLN A 499 -37.80 -1.76 -17.61
CA GLN A 499 -37.57 -0.32 -17.46
C GLN A 499 -36.15 -0.05 -17.02
N LEU A 500 -35.65 -0.81 -16.03
CA LEU A 500 -34.29 -0.62 -15.54
C LEU A 500 -33.28 -0.79 -16.67
N SER A 501 -33.39 -1.86 -17.44
CA SER A 501 -32.45 -2.12 -18.53
C SER A 501 -32.53 -1.04 -19.61
N ALA A 502 -33.76 -0.66 -19.99
CA ALA A 502 -33.92 0.41 -20.98
C ALA A 502 -33.28 1.71 -20.50
N LEU A 503 -33.50 2.06 -19.22
CA LEU A 503 -32.86 3.24 -18.64
C LEU A 503 -31.34 3.11 -18.66
N GLU A 504 -30.83 1.90 -18.43
CA GLU A 504 -29.38 1.71 -18.39
C GLU A 504 -28.76 1.98 -19.74
N ASN A 505 -29.36 1.43 -20.81
CA ASN A 505 -28.83 1.72 -22.14
C ASN A 505 -29.15 3.13 -22.62
N MSE A 506 -30.18 3.76 -22.07
CA MSE A 506 -30.48 5.15 -22.38
C MSE A 506 -29.40 6.06 -21.81
O MSE A 506 -28.87 6.93 -22.49
CB MSE A 506 -31.85 5.53 -21.83
CG MSE A 506 -32.83 6.04 -22.86
SE MSE A 506 -34.55 6.47 -22.04
CE MSE A 506 -34.87 4.78 -21.14
N HIS A 507 -29.10 5.83 -20.53
CA HIS A 507 -28.02 6.55 -19.87
C HIS A 507 -26.68 6.28 -20.55
N TYR A 508 -26.46 5.03 -20.96
CA TYR A 508 -25.25 4.71 -21.73
C TYR A 508 -25.19 5.54 -23.01
N SER A 509 -26.24 5.48 -23.82
CA SER A 509 -26.29 6.26 -25.06
C SER A 509 -26.00 7.74 -24.82
N HIS A 510 -26.47 8.27 -23.69
CA HIS A 510 -26.26 9.69 -23.39
C HIS A 510 -24.86 9.95 -22.84
N MSE A 511 -24.36 9.07 -21.97
CA MSE A 511 -23.04 9.24 -21.38
C MSE A 511 -21.95 9.22 -22.45
O MSE A 511 -21.01 10.02 -22.41
CB MSE A 511 -22.76 8.17 -20.33
CG MSE A 511 -21.43 8.34 -19.61
SE MSE A 511 -21.25 7.21 -18.03
CE MSE A 511 -21.06 8.59 -16.67
N ILE A 512 -22.08 8.30 -23.41
CA ILE A 512 -21.17 8.25 -24.55
C ILE A 512 -21.37 9.43 -25.50
N ARG A 513 -22.45 10.19 -25.34
CA ARG A 513 -22.70 11.38 -26.15
C ARG A 513 -22.40 12.67 -25.40
N PHE A 514 -21.81 12.58 -24.21
CA PHE A 514 -21.40 13.74 -23.40
C PHE A 514 -22.58 14.70 -23.17
N ASP A 515 -23.61 14.19 -22.50
CA ASP A 515 -24.78 14.96 -22.07
C ASP A 515 -24.96 14.73 -20.57
N ASN A 516 -24.20 15.49 -19.77
CA ASN A 516 -24.10 15.25 -18.34
C ASN A 516 -25.46 15.34 -17.65
N ILE A 517 -26.21 16.41 -17.91
CA ILE A 517 -27.47 16.65 -17.20
C ILE A 517 -28.42 15.48 -17.43
N GLU A 518 -28.67 15.12 -18.70
CA GLU A 518 -29.60 14.06 -19.01
C GLU A 518 -29.18 12.74 -18.36
N GLU A 519 -27.89 12.39 -18.49
CA GLU A 519 -27.40 11.13 -17.94
C GLU A 519 -27.56 11.08 -16.43
N ALA A 520 -27.20 12.17 -15.75
CA ALA A 520 -27.33 12.21 -14.30
C ALA A 520 -28.80 12.15 -13.89
N ARG A 521 -29.71 12.63 -14.74
CA ARG A 521 -31.12 12.50 -14.42
C ARG A 521 -31.61 11.06 -14.58
N ARG A 522 -31.14 10.38 -15.63
CA ARG A 522 -31.52 8.98 -15.81
C ARG A 522 -30.99 8.10 -14.68
N LEU A 523 -29.76 8.39 -14.21
CA LEU A 523 -29.21 7.63 -13.09
C LEU A 523 -30.13 7.68 -11.87
N GLN A 524 -30.87 8.77 -11.71
CA GLN A 524 -31.83 8.88 -10.62
C GLN A 524 -33.07 8.04 -10.89
N GLY B 43 32.17 26.76 31.32
CA GLY B 43 32.14 27.94 32.14
C GLY B 43 32.63 27.71 33.56
N ARG B 44 33.17 28.76 34.18
CA ARG B 44 33.68 28.66 35.55
C ARG B 44 32.61 29.15 36.54
N ASP B 45 31.60 28.30 36.70
CA ASP B 45 30.46 28.50 37.60
C ASP B 45 30.80 28.18 39.05
N GLU B 46 32.09 28.06 39.39
CA GLU B 46 32.48 27.62 40.72
C GLU B 46 32.29 28.70 41.78
N MSE B 47 32.40 29.97 41.40
CA MSE B 47 32.20 31.03 42.39
C MSE B 47 30.71 31.29 42.59
O MSE B 47 30.31 31.87 43.60
CB MSE B 47 32.92 32.32 41.99
CG MSE B 47 32.55 32.87 40.63
SE MSE B 47 33.19 34.71 40.46
CE MSE B 47 34.92 34.50 41.33
N GLN B 48 29.89 30.85 41.64
CA GLN B 48 28.45 30.88 41.84
C GLN B 48 28.04 30.00 43.00
N MSE B 49 28.76 28.91 43.23
CA MSE B 49 28.54 28.03 44.37
C MSE B 49 29.12 28.64 45.64
O MSE B 49 28.51 28.56 46.71
CB MSE B 49 29.15 26.65 44.11
CG MSE B 49 29.25 25.78 45.33
SE MSE B 49 27.54 24.93 45.75
CE MSE B 49 27.21 24.15 43.99
N SER B 50 30.30 29.26 45.50
CA SER B 50 30.96 29.85 46.66
C SER B 50 30.15 31.02 47.23
N GLU B 51 29.64 31.88 46.34
CA GLU B 51 28.82 33.00 46.82
C GLU B 51 27.51 32.51 47.40
N ALA B 52 26.95 31.44 46.86
CA ALA B 52 25.69 30.91 47.35
C ALA B 52 25.85 30.17 48.67
N LYS B 53 26.94 29.40 48.83
CA LYS B 53 27.23 28.81 50.13
C LYS B 53 27.53 29.88 51.18
N ARG B 54 28.19 30.96 50.76
CA ARG B 54 28.40 32.10 51.65
C ARG B 54 27.06 32.66 52.11
N ALA B 55 26.17 32.95 51.17
CA ALA B 55 24.88 33.51 51.52
C ALA B 55 24.05 32.55 52.37
N TYR B 56 24.23 31.24 52.18
CA TYR B 56 23.50 30.29 53.00
C TYR B 56 24.00 30.31 54.43
N ARG B 57 25.31 30.15 54.63
CA ARG B 57 25.86 30.24 55.98
C ARG B 57 25.54 31.58 56.64
N SER B 58 25.37 32.63 55.84
CA SER B 58 25.14 33.95 56.41
C SER B 58 23.69 34.13 56.83
N ALA B 59 22.74 33.75 55.96
CA ALA B 59 21.33 33.76 56.35
C ALA B 59 21.01 32.72 57.41
N LYS B 60 21.87 31.71 57.57
CA LYS B 60 21.68 30.72 58.63
C LYS B 60 22.21 31.21 59.97
N GLU B 61 23.28 32.01 59.97
CA GLU B 61 23.85 32.47 61.23
C GLU B 61 23.00 33.57 61.87
N GLU B 62 22.13 34.25 61.12
CA GLU B 62 21.32 35.33 61.66
C GLU B 62 19.85 34.99 61.78
N GLY B 63 19.45 33.75 61.49
CA GLY B 63 18.06 33.37 61.64
C GLY B 63 17.10 33.98 60.65
N ASN B 64 17.56 34.30 59.44
CA ASN B 64 16.68 34.86 58.41
C ASN B 64 15.61 33.85 57.99
N ARG B 65 15.99 32.58 57.85
CA ARG B 65 15.10 31.49 57.46
C ARG B 65 14.51 31.60 56.04
N GLN B 66 13.94 32.75 55.67
CA GLN B 66 13.43 32.88 54.31
C GLN B 66 14.55 32.70 53.30
N GLU B 67 15.65 33.43 53.49
CA GLU B 67 16.77 33.31 52.58
C GLU B 67 17.66 32.12 52.89
N GLU B 68 17.64 31.64 54.14
CA GLU B 68 18.21 30.33 54.44
C GLU B 68 17.65 29.29 53.48
N ALA B 69 16.33 29.30 53.29
CA ALA B 69 15.70 28.28 52.46
C ALA B 69 15.84 28.59 50.98
N ARG B 70 15.83 29.88 50.62
CA ARG B 70 16.09 30.22 49.22
C ARG B 70 17.48 29.76 48.79
N TRP B 71 18.47 29.90 49.66
CA TRP B 71 19.82 29.52 49.28
C TRP B 71 20.07 28.03 49.40
N ALA B 72 19.44 27.36 50.38
CA ALA B 72 19.44 25.91 50.39
C ALA B 72 18.91 25.37 49.06
N ASN B 73 17.77 25.90 48.61
CA ASN B 73 17.19 25.46 47.33
C ASN B 73 18.14 25.76 46.17
N VAL B 74 18.67 26.98 46.12
CA VAL B 74 19.54 27.37 45.00
C VAL B 74 20.75 26.44 44.91
N ILE B 75 21.44 26.22 46.02
CA ILE B 75 22.65 25.40 45.97
C ILE B 75 22.30 23.94 45.71
N GLY B 76 21.24 23.42 46.32
CA GLY B 76 20.80 22.08 45.98
C GLY B 76 20.49 21.91 44.51
N ASP B 77 19.95 22.95 43.87
CA ASP B 77 19.66 22.87 42.44
C ASP B 77 20.95 22.90 41.63
N ILE B 78 21.91 23.72 42.06
CA ILE B 78 23.23 23.69 41.43
C ILE B 78 23.83 22.29 41.52
N LEU B 79 23.67 21.65 42.69
CA LEU B 79 24.13 20.26 42.85
C LEU B 79 23.38 19.33 41.90
N LYS B 80 22.09 19.60 41.67
CA LYS B 80 21.31 18.76 40.76
C LYS B 80 21.80 18.87 39.32
N ASN B 81 22.07 20.10 38.85
CA ASN B 81 22.55 20.28 37.49
C ASN B 81 23.98 19.83 37.27
N ARG B 82 24.70 19.43 38.32
CA ARG B 82 26.06 18.91 38.18
C ARG B 82 26.11 17.39 38.27
N GLY B 83 24.97 16.72 38.41
CA GLY B 83 24.93 15.28 38.56
C GLY B 83 25.22 14.78 39.96
N GLU B 84 25.20 15.65 40.96
CA GLU B 84 25.41 15.24 42.35
C GLU B 84 24.06 15.20 43.05
N TYR B 85 23.30 14.13 42.79
CA TYR B 85 21.94 14.04 43.29
C TYR B 85 21.89 13.69 44.77
N VAL B 86 22.81 12.83 45.23
CA VAL B 86 22.85 12.46 46.64
C VAL B 86 23.03 13.69 47.54
N GLU B 87 23.92 14.61 47.15
CA GLU B 87 24.09 15.83 47.92
C GLU B 87 23.04 16.89 47.61
N ALA B 88 22.41 16.82 46.44
CA ALA B 88 21.33 17.74 46.14
C ALA B 88 20.11 17.46 47.02
N LEU B 89 19.76 16.19 47.20
CA LEU B 89 18.68 15.91 48.12
C LEU B 89 19.06 16.29 49.54
N LYS B 90 20.37 16.29 49.85
CA LYS B 90 20.81 16.82 51.15
C LYS B 90 20.40 18.28 51.29
N TRP B 91 20.75 19.11 50.31
CA TRP B 91 20.30 20.50 50.40
C TRP B 91 18.87 20.72 49.91
N PHE B 92 18.07 19.67 49.72
CA PHE B 92 16.62 19.83 49.67
C PHE B 92 15.92 19.44 50.96
N ARG B 93 16.48 18.48 51.72
CA ARG B 93 15.87 18.10 52.99
C ARG B 93 15.89 19.25 53.99
N ILE B 94 16.95 20.06 53.98
CA ILE B 94 17.02 21.16 54.94
C ILE B 94 16.26 22.39 54.44
N ASP B 95 16.10 22.53 53.11
CA ASP B 95 15.15 23.52 52.60
C ASP B 95 13.74 23.17 53.04
N TYR B 96 13.40 21.88 53.01
CA TYR B 96 12.14 21.40 53.55
C TYR B 96 11.96 21.87 55.00
N ASP B 97 13.03 21.84 55.79
CA ASP B 97 12.99 22.25 57.18
C ASP B 97 13.05 23.78 57.33
N LEU B 108 7.39 25.68 50.34
CA LEU B 108 7.29 24.23 50.45
C LEU B 108 6.71 23.65 49.16
N LEU B 109 6.14 24.52 48.34
CA LEU B 109 5.41 24.08 47.16
C LEU B 109 6.40 23.71 46.06
N PRO B 110 7.38 24.57 45.73
CA PRO B 110 8.46 24.12 44.83
C PRO B 110 9.35 23.05 45.42
N THR B 111 9.60 23.12 46.74
CA THR B 111 10.52 22.20 47.38
C THR B 111 10.14 20.73 47.17
N CYS B 112 8.85 20.42 47.24
CA CYS B 112 8.43 19.04 47.01
C CYS B 112 8.67 18.63 45.57
N GLN B 113 8.48 19.55 44.64
CA GLN B 113 8.75 19.27 43.22
C GLN B 113 10.22 18.95 43.01
N SER B 114 11.11 19.84 43.47
CA SER B 114 12.54 19.64 43.27
C SER B 114 13.04 18.37 43.95
N LEU B 115 12.63 18.17 45.20
CA LEU B 115 13.03 16.97 45.94
C LEU B 115 12.58 15.71 45.22
N GLY B 116 11.29 15.62 44.87
CA GLY B 116 10.81 14.47 44.14
C GLY B 116 11.45 14.32 42.77
N GLU B 117 11.92 15.43 42.20
CA GLU B 117 12.60 15.35 40.90
C GLU B 117 13.95 14.66 41.04
N VAL B 118 14.75 15.06 42.05
CA VAL B 118 16.03 14.39 42.22
C VAL B 118 15.82 12.94 42.61
N TYR B 119 14.79 12.67 43.44
CA TYR B 119 14.43 11.28 43.73
C TYR B 119 14.11 10.51 42.46
N LEU B 120 13.41 11.16 41.52
CA LEU B 120 13.11 10.54 40.23
C LEU B 120 14.40 10.21 39.49
N ARG B 121 15.34 11.15 39.47
CA ARG B 121 16.58 10.93 38.72
C ARG B 121 17.47 9.87 39.36
N LEU B 122 17.27 9.57 40.65
CA LEU B 122 18.02 8.48 41.27
C LEU B 122 17.36 7.13 41.09
N GLU B 123 16.28 7.05 40.32
CA GLU B 123 15.52 5.81 40.10
C GLU B 123 14.89 5.29 41.40
N HIS B 124 14.62 6.20 42.33
CA HIS B 124 13.91 5.89 43.57
C HIS B 124 12.47 6.34 43.35
N PHE B 125 11.64 5.44 42.83
CA PHE B 125 10.33 5.83 42.32
C PHE B 125 9.32 6.08 43.43
N LYS B 126 9.17 5.13 44.36
CA LYS B 126 8.28 5.32 45.50
C LYS B 126 8.61 6.60 46.26
N ASP B 127 9.90 6.79 46.55
CA ASP B 127 10.36 7.98 47.27
C ASP B 127 9.95 9.25 46.54
N ALA B 128 10.18 9.29 45.22
CA ALA B 128 9.73 10.41 44.41
C ALA B 128 8.22 10.61 44.55
N LEU B 129 7.45 9.54 44.31
CA LEU B 129 6.00 9.64 44.26
C LEU B 129 5.42 10.26 45.52
N ILE B 130 6.03 9.97 46.67
CA ILE B 130 5.57 10.58 47.93
C ILE B 130 5.47 12.10 47.78
N TYR B 131 6.62 12.74 47.52
CA TYR B 131 6.65 14.20 47.46
C TYR B 131 5.93 14.72 46.22
N GLN B 132 6.01 13.99 45.10
CA GLN B 132 5.29 14.39 43.89
C GLN B 132 3.80 14.55 44.16
N LYS B 133 3.23 13.60 44.89
CA LYS B 133 1.80 13.62 45.14
C LYS B 133 1.44 14.64 46.20
N LYS B 134 2.27 14.77 47.25
CA LYS B 134 2.08 15.89 48.16
C LYS B 134 2.10 17.23 47.43
N HIS B 135 2.95 17.34 46.41
CA HIS B 135 3.00 18.55 45.59
C HIS B 135 1.67 18.79 44.91
N LEU B 136 1.09 17.74 44.32
CA LEU B 136 -0.22 17.93 43.67
C LEU B 136 -1.30 18.31 44.67
N GLU B 137 -1.32 17.66 45.84
CA GLU B 137 -2.28 18.00 46.89
C GLU B 137 -2.21 19.48 47.26
N LEU B 138 -1.04 19.94 47.71
CA LEU B 138 -0.88 21.34 48.08
C LEU B 138 -1.15 22.27 46.90
N ALA B 139 -0.94 21.82 45.67
CA ALA B 139 -1.18 22.67 44.52
C ALA B 139 -2.67 22.80 44.22
N LYS B 140 -3.45 21.78 44.54
CA LYS B 140 -4.90 21.89 44.42
C LYS B 140 -5.44 22.79 45.52
N ASP B 141 -4.98 22.57 46.76
CA ASP B 141 -5.38 23.44 47.86
C ASP B 141 -4.99 24.89 47.63
N ALA B 142 -3.96 25.14 46.82
CA ALA B 142 -3.58 26.50 46.45
C ALA B 142 -4.13 26.93 45.09
N SER B 143 -4.47 25.98 44.22
CA SER B 143 -5.08 26.26 42.92
C SER B 143 -4.22 27.21 42.09
N VAL B 146 -1.92 26.46 38.12
CA VAL B 146 -0.58 26.54 37.55
C VAL B 146 0.34 25.51 38.18
N GLU B 147 0.40 25.51 39.52
CA GLU B 147 1.15 24.48 40.22
C GLU B 147 0.54 23.09 40.02
N GLN B 148 -0.78 23.02 39.81
CA GLN B 148 -1.37 21.72 39.51
C GLN B 148 -0.88 21.20 38.17
N GLN B 149 -0.59 22.10 37.24
CA GLN B 149 -0.05 21.68 35.94
C GLN B 149 1.31 21.03 36.13
N ARG B 150 2.21 21.69 36.86
CA ARG B 150 3.54 21.15 37.06
C ARG B 150 3.48 19.83 37.82
N ALA B 151 2.72 19.78 38.91
CA ALA B 151 2.61 18.55 39.67
C ALA B 151 2.08 17.40 38.83
N CYS B 152 1.18 17.70 37.88
CA CYS B 152 0.64 16.61 37.06
C CYS B 152 1.63 16.16 36.00
N THR B 153 2.31 17.09 35.32
CA THR B 153 3.41 16.69 34.45
C THR B 153 4.43 15.82 35.19
N GLN B 154 4.77 16.19 36.42
CA GLN B 154 5.78 15.44 37.16
C GLN B 154 5.26 14.06 37.54
N LEU B 155 3.97 13.97 37.91
CA LEU B 155 3.38 12.67 38.21
C LEU B 155 3.40 11.78 36.98
N GLY B 156 3.02 12.34 35.82
CA GLY B 156 3.06 11.57 34.59
C GLY B 156 4.46 11.13 34.22
N ARG B 157 5.45 12.00 34.45
CA ARG B 157 6.84 11.64 34.21
C ARG B 157 7.27 10.46 35.07
N THR B 158 7.14 10.60 36.39
CA THR B 158 7.58 9.53 37.28
C THR B 158 6.82 8.24 37.05
N TYR B 159 5.56 8.33 36.62
CA TYR B 159 4.78 7.11 36.36
C TYR B 159 5.19 6.45 35.04
N TYR B 160 5.32 7.26 33.98
CA TYR B 160 5.83 6.78 32.71
C TYR B 160 7.14 6.03 32.84
N GLU B 161 8.05 6.54 33.68
CA GLU B 161 9.36 5.92 33.80
C GLU B 161 9.35 4.68 34.66
N MSE B 162 8.20 4.31 35.21
CA MSE B 162 8.05 3.04 35.93
C MSE B 162 7.61 1.96 34.96
O MSE B 162 7.02 0.95 35.35
CB MSE B 162 7.02 3.17 37.05
CG MSE B 162 7.41 4.12 38.18
SE MSE B 162 5.96 4.35 39.46
CE MSE B 162 6.01 2.59 40.30
N PHE B 163 7.91 2.18 33.69
CA PHE B 163 7.29 1.41 32.62
C PHE B 163 8.27 1.16 31.48
N ASP B 169 2.59 -1.97 36.28
CA ASP B 169 2.13 -2.27 34.92
C ASP B 169 0.90 -1.45 34.53
N HIS B 170 -0.28 -2.05 34.73
CA HIS B 170 -1.51 -1.40 34.28
C HIS B 170 -1.78 -0.11 35.05
N TYR B 171 -1.60 -0.16 36.39
CA TYR B 171 -1.85 1.03 37.20
C TYR B 171 -0.94 2.17 36.79
N SER B 172 0.35 1.88 36.55
CA SER B 172 1.30 2.94 36.27
C SER B 172 1.02 3.59 34.91
N ILE B 173 0.70 2.80 33.89
CA ILE B 173 0.40 3.37 32.58
C ILE B 173 -0.93 4.13 32.62
N ARG B 174 -1.90 3.62 33.38
CA ARG B 174 -3.15 4.35 33.58
C ARG B 174 -2.89 5.73 34.15
N ASN B 175 -2.15 5.80 35.27
CA ASN B 175 -1.86 7.09 35.87
C ASN B 175 -1.00 7.95 34.96
N ALA B 176 -0.09 7.35 34.18
CA ALA B 176 0.73 8.13 33.27
C ALA B 176 -0.12 8.84 32.22
N LYS B 177 -0.99 8.09 31.55
CA LYS B 177 -1.89 8.70 30.57
C LYS B 177 -2.80 9.73 31.23
N LYS B 178 -3.30 9.43 32.44
CA LYS B 178 -4.20 10.36 33.12
C LYS B 178 -3.52 11.69 33.37
N TYR B 179 -2.31 11.66 33.95
CA TYR B 179 -1.64 12.89 34.30
C TYR B 179 -1.08 13.63 33.09
N PHE B 180 -0.65 12.91 32.05
CA PHE B 180 -0.24 13.58 30.83
C PHE B 180 -1.41 14.29 30.18
N LYS B 181 -2.58 13.66 30.18
CA LYS B 181 -3.77 14.30 29.63
C LYS B 181 -4.16 15.51 30.46
N SER B 182 -4.15 15.38 31.78
CA SER B 182 -4.43 16.52 32.65
C SER B 182 -3.46 17.67 32.39
N ALA B 183 -2.18 17.35 32.16
CA ALA B 183 -1.18 18.38 31.88
C ALA B 183 -1.50 19.09 30.57
N MSE B 184 -1.81 18.33 29.52
CA MSE B 184 -2.24 18.91 28.26
C MSE B 184 -3.45 19.83 28.44
O MSE B 184 -3.50 20.93 27.88
CB MSE B 184 -2.57 17.83 27.22
CG MSE B 184 -2.43 18.30 25.78
SE MSE B 184 -1.03 19.59 25.47
CE MSE B 184 -2.08 21.01 24.65
N LYS B 185 -4.41 19.39 29.25
CA LYS B 185 -5.61 20.17 29.48
C LYS B 185 -5.32 21.39 30.36
N LEU B 186 -4.36 21.29 31.26
CA LEU B 186 -3.98 22.42 32.10
C LEU B 186 -3.03 23.37 31.37
N ALA B 187 -2.46 22.94 30.25
CA ALA B 187 -1.65 23.81 29.41
C ALA B 187 -2.48 24.54 28.35
N GLN B 188 -3.62 23.96 27.95
CA GLN B 188 -4.53 24.65 27.06
C GLN B 188 -5.15 25.86 27.74
N THR B 189 -5.51 25.73 29.01
CA THR B 189 -6.06 26.84 29.78
C THR B 189 -5.11 28.03 29.80
N PHE B 201 2.44 31.31 28.78
CA PHE B 201 2.97 30.02 29.23
C PHE B 201 3.16 29.06 28.06
N LEU B 202 3.82 29.54 27.00
CA LEU B 202 4.05 28.72 25.81
C LEU B 202 4.88 27.48 26.15
N LYS B 203 5.97 27.67 26.89
CA LYS B 203 6.88 26.57 27.24
C LYS B 203 6.14 25.39 27.86
N GLU B 204 5.30 25.65 28.87
CA GLU B 204 4.59 24.54 29.51
C GLU B 204 3.70 23.80 28.53
N TYR B 205 3.07 24.51 27.60
CA TYR B 205 2.19 23.85 26.64
C TYR B 205 2.98 22.97 25.70
N ILE B 206 4.10 23.50 25.20
CA ILE B 206 4.94 22.72 24.30
C ILE B 206 5.48 21.49 25.02
N ASP B 207 5.83 21.64 26.30
CA ASP B 207 6.30 20.49 27.07
C ASP B 207 5.21 19.44 27.22
N ALA B 208 3.96 19.89 27.37
CA ALA B 208 2.87 18.93 27.47
C ALA B 208 2.68 18.18 26.16
N HIS B 209 2.80 18.88 25.03
CA HIS B 209 2.83 18.19 23.73
C HIS B 209 3.97 17.18 23.65
N ASN B 210 5.18 17.58 24.00
CA ASN B 210 6.31 16.66 24.02
C ASN B 210 5.97 15.37 24.77
N ASN B 211 5.53 15.50 26.02
CA ASN B 211 5.31 14.32 26.85
C ASN B 211 4.17 13.46 26.33
N ILE B 212 3.10 14.09 25.84
CA ILE B 212 1.95 13.29 25.41
C ILE B 212 2.25 12.58 24.08
N GLY B 213 2.84 13.29 23.13
CA GLY B 213 3.29 12.64 21.90
C GLY B 213 4.32 11.55 22.15
N MSE B 214 5.13 11.69 23.19
CA MSE B 214 6.06 10.65 23.57
C MSE B 214 5.31 9.41 24.05
O MSE B 214 5.58 8.30 23.58
CB MSE B 214 6.99 11.15 24.68
CG MSE B 214 7.82 10.06 25.31
SE MSE B 214 8.78 10.72 26.87
CE MSE B 214 7.22 11.13 27.97
N LEU B 215 4.38 9.60 24.99
CA LEU B 215 3.59 8.48 25.48
C LEU B 215 2.80 7.82 24.37
N GLN B 216 2.42 8.59 23.34
CA GLN B 216 1.62 8.04 22.25
C GLN B 216 2.37 6.95 21.50
N MSE B 217 3.65 7.16 21.20
CA MSE B 217 4.41 6.22 20.39
C MSE B 217 4.73 4.92 21.14
O MSE B 217 5.03 3.90 20.53
CB MSE B 217 5.71 6.83 19.87
CG MSE B 217 6.80 6.91 20.91
SE MSE B 217 8.57 7.03 20.10
CE MSE B 217 8.84 5.15 19.69
N GLU B 218 4.70 4.98 22.47
CA GLU B 218 4.98 3.80 23.27
C GLU B 218 3.80 2.84 23.34
N LEU B 219 2.59 3.34 23.10
CA LEU B 219 1.41 2.49 22.98
C LEU B 219 1.20 1.99 21.55
N ASP B 220 2.27 1.93 20.76
CA ASP B 220 2.23 1.58 19.34
C ASP B 220 1.33 2.50 18.53
N ASN B 221 1.03 3.69 19.05
CA ASN B 221 0.21 4.67 18.34
C ASN B 221 1.13 5.67 17.64
N LEU B 222 1.84 5.16 16.63
CA LEU B 222 2.88 5.92 15.96
C LEU B 222 2.36 7.18 15.29
N GLU B 223 1.18 7.12 14.70
CA GLU B 223 0.76 8.18 13.78
C GLU B 223 0.34 9.43 14.54
N GLU B 224 -0.44 9.26 15.61
CA GLU B 224 -0.81 10.41 16.44
C GLU B 224 0.40 10.97 17.17
N ALA B 225 1.36 10.13 17.55
CA ALA B 225 2.61 10.64 18.11
C ALA B 225 3.35 11.53 17.12
N LYS B 226 3.49 11.07 15.88
CA LYS B 226 4.09 11.90 14.84
C LYS B 226 3.34 13.22 14.70
N LYS B 227 2.01 13.16 14.65
CA LYS B 227 1.21 14.37 14.45
C LYS B 227 1.42 15.35 15.61
N LEU B 228 1.34 14.84 16.85
CA LEU B 228 1.50 15.68 18.03
C LEU B 228 2.87 16.34 18.06
N LEU B 229 3.93 15.57 17.80
CA LEU B 229 5.28 16.13 17.88
C LEU B 229 5.53 17.16 16.77
N ILE B 230 5.11 16.85 15.55
CA ILE B 230 5.28 17.82 14.46
C ILE B 230 4.48 19.08 14.77
N ARG B 231 3.30 18.93 15.36
CA ARG B 231 2.47 20.09 15.69
C ARG B 231 3.15 20.93 16.76
N GLY B 232 3.64 20.30 17.84
CA GLY B 232 4.35 21.05 18.87
C GLY B 232 5.57 21.79 18.33
N LEU B 233 6.31 21.15 17.42
CA LEU B 233 7.45 21.84 16.83
C LEU B 233 6.99 23.05 16.00
N GLU B 234 5.90 22.90 15.26
CA GLU B 234 5.33 24.04 14.56
C GLU B 234 4.91 25.14 15.52
N ILE B 235 4.35 24.77 16.68
CA ILE B 235 4.03 25.78 17.69
C ILE B 235 5.29 26.52 18.14
N CYS B 236 6.40 25.78 18.27
CA CYS B 236 7.66 26.43 18.66
C CYS B 236 8.08 27.46 17.63
N ASN B 237 8.07 27.09 16.35
CA ASN B 237 8.53 28.04 15.34
C ASN B 237 7.50 29.13 15.04
N GLU B 238 6.21 28.85 15.24
CA GLU B 238 5.16 29.82 14.97
C GLU B 238 5.18 30.99 15.95
N GLU B 239 5.68 30.78 17.16
CA GLU B 239 5.69 31.82 18.18
C GLU B 239 7.11 32.26 18.54
N GLU B 240 8.05 32.07 17.63
CA GLU B 240 9.44 32.52 17.77
C GLU B 240 10.06 32.04 19.08
N VAL B 241 10.08 30.73 19.24
CA VAL B 241 10.82 30.09 20.33
C VAL B 241 12.24 29.83 19.83
N SER B 242 13.20 29.88 20.75
CA SER B 242 14.61 29.82 20.38
C SER B 242 14.93 28.51 19.65
N GLU B 243 15.76 28.62 18.61
CA GLU B 243 16.26 27.44 17.92
C GLU B 243 17.31 26.70 18.74
N ASP B 244 17.71 27.25 19.88
CA ASP B 244 18.61 26.61 20.83
C ASP B 244 17.92 26.28 22.15
N ASP B 245 16.58 26.22 22.14
CA ASP B 245 15.82 25.95 23.35
C ASP B 245 15.82 24.46 23.69
N ASP B 246 15.72 24.16 24.99
CA ASP B 246 15.72 22.78 25.45
C ASP B 246 14.41 22.05 25.16
N GLY B 247 13.33 22.75 24.85
CA GLY B 247 12.10 22.07 24.46
C GLY B 247 12.17 21.52 23.05
N ARG B 248 12.73 22.30 22.12
CA ARG B 248 12.97 21.80 20.77
C ARG B 248 13.86 20.57 20.81
N SER B 249 14.77 20.50 21.78
CA SER B 249 15.59 19.31 22.00
C SER B 249 14.70 18.07 22.13
N ARG B 250 13.86 18.04 23.17
CA ARG B 250 13.04 16.87 23.44
C ARG B 250 12.05 16.59 22.31
N LEU B 251 11.58 17.63 21.63
CA LEU B 251 10.66 17.41 20.52
C LEU B 251 11.36 16.72 19.35
N HIS B 252 12.50 17.29 18.92
CA HIS B 252 13.35 16.63 17.92
C HIS B 252 13.69 15.21 18.34
N HIS B 253 13.95 15.00 19.63
CA HIS B 253 14.34 13.70 20.14
C HIS B 253 13.26 12.66 19.86
N ASN B 254 12.06 12.90 20.40
CA ASN B 254 11.01 11.90 20.21
C ASN B 254 10.52 11.85 18.77
N LEU B 255 10.67 12.94 18.00
CA LEU B 255 10.35 12.88 16.58
C LEU B 255 11.28 11.96 15.82
N GLY B 256 12.59 12.11 16.03
CA GLY B 256 13.53 11.16 15.45
C GLY B 256 13.26 9.75 15.92
N ASN B 257 12.77 9.60 17.15
CA ASN B 257 12.48 8.27 17.67
C ASN B 257 11.31 7.63 16.91
N VAL B 258 10.25 8.41 16.68
CA VAL B 258 9.09 7.88 15.97
C VAL B 258 9.42 7.65 14.49
N TYR B 259 10.19 8.55 13.87
CA TYR B 259 10.66 8.32 12.51
C TYR B 259 11.47 7.03 12.43
N MSE B 260 12.27 6.74 13.46
CA MSE B 260 13.09 5.54 13.48
C MSE B 260 12.21 4.30 13.54
O MSE B 260 12.48 3.31 12.86
CB MSE B 260 14.04 5.57 14.68
CG MSE B 260 14.91 4.33 14.81
SE MSE B 260 16.07 4.43 16.37
CE MSE B 260 14.73 4.13 17.75
N GLU B 261 11.16 4.36 14.37
CA GLU B 261 10.22 3.25 14.42
C GLU B 261 9.50 3.05 13.08
N LEU B 262 9.26 4.12 12.34
CA LEU B 262 8.61 4.07 11.04
C LEU B 262 9.54 3.65 9.89
N ARG B 263 10.76 3.21 10.17
CA ARG B 263 11.68 2.69 9.15
C ARG B 263 12.19 3.76 8.19
N MSE B 264 12.09 5.04 8.55
CA MSE B 264 12.66 6.10 7.73
C MSE B 264 13.94 6.63 8.36
O MSE B 264 13.91 7.49 9.24
CB MSE B 264 11.66 7.25 7.55
CG MSE B 264 10.21 6.83 7.62
SE MSE B 264 9.01 8.23 7.00
CE MSE B 264 7.31 7.43 7.52
N TRP B 265 15.08 6.11 7.88
CA TRP B 265 16.35 6.31 8.58
C TRP B 265 16.86 7.75 8.45
N ASP B 266 16.94 8.27 7.22
CA ASP B 266 17.54 9.60 7.00
C ASP B 266 16.83 10.69 7.80
N LYS B 267 15.50 10.61 7.91
CA LYS B 267 14.78 11.65 8.66
C LYS B 267 15.05 11.50 10.16
N SER B 268 15.13 10.26 10.64
CA SER B 268 15.51 10.02 12.02
C SER B 268 16.92 10.53 12.27
N ARG B 269 17.82 10.29 11.32
CA ARG B 269 19.16 10.86 11.41
C ARG B 269 19.10 12.36 11.60
N GLU B 270 18.32 13.06 10.76
CA GLU B 270 18.25 14.51 10.85
C GLU B 270 17.78 14.97 12.22
N HIS B 271 16.69 14.36 12.72
CA HIS B 271 16.11 14.84 13.97
C HIS B 271 17.00 14.52 15.17
N ILE B 272 17.49 13.29 15.26
CA ILE B 272 18.42 12.94 16.34
C ILE B 272 19.64 13.84 16.30
N GLU B 273 20.16 14.12 15.09
CA GLU B 273 21.34 14.95 14.97
C GLU B 273 21.07 16.36 15.49
N GLN B 274 19.89 16.91 15.22
CA GLN B 274 19.65 18.26 15.73
C GLN B 274 19.39 18.27 17.24
N ASP B 275 18.82 17.20 17.78
CA ASP B 275 18.75 17.10 19.24
C ASP B 275 20.14 17.12 19.86
N ILE B 276 21.07 16.38 19.25
CA ILE B 276 22.46 16.38 19.72
C ILE B 276 23.05 17.78 19.63
N ILE B 277 22.89 18.42 18.47
CA ILE B 277 23.43 19.76 18.22
C ILE B 277 22.95 20.74 19.29
N ILE B 278 21.64 20.77 19.51
CA ILE B 278 21.06 21.73 20.44
C ILE B 278 21.51 21.44 21.86
N CYS B 279 21.65 20.16 22.23
CA CYS B 279 22.15 19.84 23.56
C CYS B 279 23.61 20.22 23.72
N LYS B 280 24.40 20.12 22.65
CA LYS B 280 25.78 20.60 22.69
C LYS B 280 25.81 22.10 22.94
N LYS B 281 24.89 22.84 22.31
CA LYS B 281 24.87 24.29 22.47
C LYS B 281 24.50 24.68 23.89
N ILE B 282 23.39 24.15 24.41
CA ILE B 282 22.96 24.45 25.78
C ILE B 282 23.93 23.98 26.85
N GLU B 283 24.91 23.13 26.50
CA GLU B 283 25.76 22.44 27.46
C GLU B 283 24.92 21.55 28.38
N HIS B 284 24.07 20.72 27.76
CA HIS B 284 23.23 19.74 28.46
C HIS B 284 23.87 18.37 28.28
N ARG B 285 24.64 17.95 29.28
CA ARG B 285 25.48 16.75 29.14
C ARG B 285 24.63 15.49 29.01
N GLN B 286 23.75 15.25 29.97
CA GLN B 286 22.82 14.12 29.90
C GLN B 286 22.01 14.12 28.61
N GLY B 287 21.55 15.31 28.20
CA GLY B 287 20.87 15.48 26.92
C GLY B 287 21.58 14.87 25.75
N GLU B 288 22.81 15.31 25.47
CA GLU B 288 23.49 14.73 24.32
C GLU B 288 24.02 13.34 24.61
N ALA B 289 24.11 12.92 25.86
CA ALA B 289 24.38 11.51 26.09
C ALA B 289 23.22 10.67 25.60
N LYS B 290 22.00 11.13 25.80
CA LYS B 290 20.87 10.34 25.35
C LYS B 290 20.67 10.51 23.86
N GLY B 291 21.10 11.64 23.30
CA GLY B 291 20.93 11.83 21.88
C GLY B 291 21.92 10.95 21.16
N TYR B 292 23.12 10.82 21.72
CA TYR B 292 24.12 9.94 21.13
C TYR B 292 23.76 8.46 21.29
N ILE B 293 23.18 8.07 22.43
CA ILE B 293 22.79 6.66 22.56
C ILE B 293 21.67 6.32 21.58
N ASN B 294 20.80 7.28 21.25
CA ASN B 294 19.76 6.98 20.28
C ASN B 294 20.27 7.07 18.84
N LEU B 295 21.26 7.92 18.57
CA LEU B 295 21.92 7.86 17.26
C LEU B 295 22.66 6.54 17.08
N GLY B 296 23.24 6.01 18.16
CA GLY B 296 23.83 4.68 18.09
C GLY B 296 22.80 3.61 17.86
N GLU B 297 21.61 3.76 18.45
CA GLU B 297 20.52 2.83 18.16
C GLU B 297 20.13 2.88 16.69
N LEU B 298 20.04 4.10 16.12
CA LEU B 298 19.81 4.26 14.70
C LEU B 298 20.81 3.46 13.87
N HIS B 299 22.10 3.66 14.13
CA HIS B 299 23.10 2.90 13.37
C HIS B 299 23.04 1.40 13.64
N TYR B 300 22.60 0.99 14.83
CA TYR B 300 22.54 -0.44 15.12
C TYR B 300 21.40 -1.10 14.36
N ARG B 301 20.24 -0.44 14.29
CA ARG B 301 19.10 -1.03 13.59
C ARG B 301 19.33 -1.14 12.09
N VAL B 302 20.34 -0.44 11.56
CA VAL B 302 20.59 -0.38 10.13
C VAL B 302 21.95 -0.97 9.76
N GLN B 303 22.52 -1.79 10.64
CA GLN B 303 23.70 -2.66 10.44
C GLN B 303 25.04 -1.91 10.46
N LYS B 304 25.08 -0.66 10.89
CA LYS B 304 26.34 0.11 10.93
C LYS B 304 26.90 0.04 12.35
N TYR B 305 27.64 -1.03 12.61
CA TYR B 305 28.04 -1.35 13.98
C TYR B 305 29.24 -0.54 14.46
N ASP B 306 30.18 -0.25 13.57
CA ASP B 306 31.35 0.52 14.00
C ASP B 306 30.94 1.94 14.38
N GLU B 307 30.03 2.53 13.60
CA GLU B 307 29.47 3.82 13.95
C GLU B 307 28.64 3.74 15.22
N ALA B 308 27.96 2.61 15.43
CA ALA B 308 27.16 2.44 16.63
C ALA B 308 28.05 2.48 17.87
N ILE B 309 29.17 1.74 17.84
CA ILE B 309 30.02 1.74 19.02
C ILE B 309 30.69 3.10 19.20
N LEU B 310 30.94 3.82 18.10
CA LEU B 310 31.48 5.18 18.25
C LEU B 310 30.48 6.08 18.97
N CYS B 311 29.23 6.09 18.53
CA CYS B 311 28.26 6.95 19.17
C CYS B 311 27.95 6.51 20.59
N TYR B 312 28.01 5.21 20.85
CA TYR B 312 27.75 4.74 22.20
C TYR B 312 28.88 5.12 23.14
N GLN B 313 30.11 5.15 22.64
CA GLN B 313 31.25 5.58 23.44
C GLN B 313 31.20 7.07 23.73
N LYS B 314 30.75 7.86 22.75
CA LYS B 314 30.56 9.28 23.02
C LYS B 314 29.53 9.48 24.13
N ALA B 315 28.42 8.75 24.05
CA ALA B 315 27.43 8.82 25.12
C ALA B 315 28.00 8.34 26.45
N LEU B 316 28.86 7.33 26.41
CA LEU B 316 29.52 6.83 27.63
C LEU B 316 30.36 7.92 28.28
N ASN B 317 31.19 8.59 27.50
CA ASN B 317 32.02 9.65 28.06
C ASN B 317 31.17 10.78 28.63
N LEU B 318 30.07 11.12 27.94
CA LEU B 318 29.19 12.14 28.50
C LEU B 318 28.55 11.68 29.80
N ALA B 319 28.08 10.44 29.86
CA ALA B 319 27.38 9.94 31.05
C ALA B 319 28.33 9.81 32.23
N GLN B 320 29.57 9.40 31.98
CA GLN B 320 30.52 9.14 33.05
C GLN B 320 31.07 10.42 33.67
N SER B 321 30.72 11.59 33.14
CA SER B 321 31.12 12.86 33.71
C SER B 321 30.14 13.37 34.75
N MSE B 322 29.17 12.55 35.16
CA MSE B 322 28.19 12.94 36.16
C MSE B 322 28.17 11.88 37.26
O MSE B 322 28.03 10.69 36.99
CB MSE B 322 26.82 13.12 35.53
CG MSE B 322 26.81 14.15 34.42
SE MSE B 322 25.07 14.44 33.59
CE MSE B 322 24.25 15.54 34.97
N GLU B 323 28.28 12.34 38.52
CA GLU B 323 28.63 11.43 39.60
C GLU B 323 27.54 10.39 39.86
N ASP B 324 26.28 10.75 39.61
CA ASP B 324 25.16 9.89 39.98
C ASP B 324 24.35 9.48 38.77
N GLU B 325 25.01 9.41 37.61
CA GLU B 325 24.44 8.84 36.39
C GLU B 325 25.00 7.44 36.13
N ASP B 326 25.12 6.63 37.18
CA ASP B 326 25.76 5.32 37.03
C ASP B 326 24.91 4.38 36.19
N ALA B 327 23.60 4.38 36.42
CA ALA B 327 22.73 3.44 35.72
C ALA B 327 22.70 3.70 34.22
N LEU B 328 22.66 4.98 33.82
CA LEU B 328 22.70 5.32 32.40
C LEU B 328 23.99 4.84 31.76
N ALA B 329 25.12 5.02 32.46
CA ALA B 329 26.39 4.55 31.93
C ALA B 329 26.43 3.02 31.84
N SER B 330 25.71 2.34 32.74
CA SER B 330 25.66 0.89 32.68
C SER B 330 24.79 0.40 31.52
N GLN B 331 23.71 1.12 31.22
CA GLN B 331 22.93 0.77 30.02
C GLN B 331 23.74 1.04 28.76
N ILE B 332 24.59 2.07 28.76
CA ILE B 332 25.45 2.31 27.61
C ILE B 332 26.47 1.18 27.44
N ASP B 333 27.09 0.75 28.54
CA ASP B 333 27.98 -0.40 28.49
C ASP B 333 27.27 -1.63 27.95
N GLN B 334 26.03 -1.86 28.40
CA GLN B 334 25.24 -2.99 27.94
C GLN B 334 25.02 -2.92 26.43
N ASN B 335 24.71 -1.71 25.92
CA ASN B 335 24.54 -1.54 24.49
C ASN B 335 25.83 -1.83 23.73
N ILE B 336 26.97 -1.37 24.26
CA ILE B 336 28.23 -1.59 23.55
C ILE B 336 28.54 -3.08 23.45
N GLU B 337 28.25 -3.84 24.51
CA GLU B 337 28.53 -5.27 24.43
C GLU B 337 27.52 -5.99 23.54
N THR B 338 26.27 -5.50 23.49
CA THR B 338 25.31 -6.03 22.54
C THR B 338 25.76 -5.82 21.10
N VAL B 339 26.32 -4.65 20.80
CA VAL B 339 26.83 -4.42 19.44
C VAL B 339 28.03 -5.32 19.14
N LYS B 340 28.90 -5.54 20.13
CA LYS B 340 29.99 -6.49 19.95
C LYS B 340 29.45 -7.88 19.57
N LYS B 341 28.37 -8.29 20.24
CA LYS B 341 27.79 -9.61 19.98
C LYS B 341 27.15 -9.65 18.60
N ALA B 342 26.49 -8.57 18.21
CA ALA B 342 25.95 -8.48 16.86
C ALA B 342 27.05 -8.54 15.81
N ILE B 343 28.25 -8.05 16.13
CA ILE B 343 29.36 -8.13 15.20
C ILE B 343 29.79 -9.58 15.00
N GLU B 344 29.87 -10.35 16.09
CA GLU B 344 30.15 -11.78 15.91
C GLU B 344 29.06 -12.45 15.07
N VAL B 345 27.79 -12.11 15.33
CA VAL B 345 26.70 -12.69 14.57
C VAL B 345 26.81 -12.32 13.09
N MSE B 346 27.31 -11.13 12.78
CA MSE B 346 27.48 -10.73 11.38
C MSE B 346 28.58 -11.50 10.68
O MSE B 346 28.44 -11.87 9.50
CB MSE B 346 27.74 -9.24 11.24
CG MSE B 346 26.52 -8.45 10.82
SE MSE B 346 26.08 -8.75 8.94
CE MSE B 346 24.52 -7.59 8.81
N ASP B 347 29.71 -11.72 11.37
CA ASP B 347 30.72 -12.61 10.78
C ASP B 347 30.14 -13.99 10.50
N GLU B 348 29.34 -14.51 11.43
CA GLU B 348 28.70 -15.80 11.18
C GLU B 348 27.77 -15.74 9.98
N LEU B 349 26.95 -14.69 9.90
CA LEU B 349 26.08 -14.47 8.74
C LEU B 349 26.85 -14.56 7.44
N LYS B 350 27.87 -13.72 7.28
CA LYS B 350 28.52 -13.62 5.98
C LYS B 350 29.34 -14.87 5.65
N LYS B 351 29.92 -15.52 6.65
CA LYS B 351 30.64 -16.75 6.37
C LYS B 351 29.67 -17.86 5.92
N GLU B 352 28.52 -17.99 6.60
CA GLU B 352 27.55 -18.98 6.15
C GLU B 352 26.94 -18.59 4.81
N GLU B 353 26.85 -17.28 4.52
CA GLU B 353 26.46 -16.84 3.18
C GLU B 353 27.42 -17.34 2.12
N GLN B 354 28.73 -17.26 2.40
CA GLN B 354 29.70 -17.80 1.46
C GLN B 354 29.53 -19.30 1.28
N ASN B 355 29.30 -20.02 2.39
CA ASN B 355 29.01 -21.44 2.31
C ASN B 355 27.78 -21.72 1.42
N LEU B 356 26.73 -20.91 1.59
CA LEU B 356 25.53 -21.05 0.77
C LEU B 356 25.82 -20.81 -0.71
N LYS B 357 26.59 -19.77 -1.02
CA LYS B 357 26.98 -19.54 -2.41
C LYS B 357 27.75 -20.74 -2.97
N LYS B 358 28.55 -21.39 -2.13
CA LYS B 358 29.29 -22.56 -2.59
C LYS B 358 28.33 -23.71 -2.89
N LEU B 359 27.40 -23.99 -1.98
CA LEU B 359 26.42 -25.04 -2.22
C LEU B 359 25.56 -24.73 -3.45
N THR B 360 25.24 -23.45 -3.67
CA THR B 360 24.49 -23.06 -4.85
C THR B 360 25.29 -23.30 -6.12
N ARG B 361 26.60 -23.21 -6.05
CA ARG B 361 27.43 -23.45 -7.22
C ARG B 361 27.64 -24.92 -7.52
N ASN B 362 27.38 -25.80 -6.56
CA ASN B 362 27.47 -27.25 -6.77
C ASN B 362 26.23 -27.79 -7.48
N MSE B 363 25.47 -26.90 -8.11
CA MSE B 363 24.34 -27.26 -8.96
C MSE B 363 24.64 -26.83 -10.39
O MSE B 363 25.07 -27.62 -11.23
CB MSE B 363 23.08 -26.54 -8.47
CG MSE B 363 22.46 -27.13 -7.22
SE MSE B 363 20.53 -27.29 -7.39
CE MSE B 363 20.43 -28.52 -8.89
N ILE B 364 24.38 -25.54 -10.63
CA ILE B 364 24.75 -24.86 -11.86
C ILE B 364 25.80 -23.82 -11.55
N GLY B 368 23.47 -38.59 -8.99
CA GLY B 368 23.10 -37.67 -10.03
C GLY B 368 21.91 -36.79 -9.67
N THR B 369 20.70 -37.34 -9.81
CA THR B 369 19.51 -36.57 -9.47
C THR B 369 19.30 -36.53 -7.96
N SER B 370 19.80 -37.56 -7.27
CA SER B 370 19.70 -37.54 -5.81
C SER B 370 20.84 -36.74 -5.20
N GLN B 371 21.83 -36.35 -6.01
CA GLN B 371 22.82 -35.40 -5.50
C GLN B 371 22.35 -33.98 -5.74
N GLU B 372 21.39 -33.82 -6.65
CA GLU B 372 20.68 -32.55 -6.79
C GLU B 372 19.74 -32.37 -5.61
N ARG B 373 19.05 -33.46 -5.21
CA ARG B 373 18.20 -33.34 -4.03
C ARG B 373 19.04 -33.10 -2.77
N LYS B 374 20.22 -33.74 -2.69
CA LYS B 374 21.09 -33.51 -1.55
C LYS B 374 21.53 -32.06 -1.46
N SER B 375 22.00 -31.49 -2.59
CA SER B 375 22.36 -30.07 -2.57
C SER B 375 21.16 -29.20 -2.28
N LEU B 376 19.94 -29.65 -2.61
CA LEU B 376 18.77 -28.83 -2.31
C LEU B 376 18.47 -28.77 -0.82
N LEU B 377 18.53 -29.91 -0.12
CA LEU B 377 18.30 -29.82 1.32
C LEU B 377 19.50 -29.20 2.04
N GLN B 378 20.70 -29.33 1.49
CA GLN B 378 21.84 -28.61 2.06
C GLN B 378 21.63 -27.10 1.95
N GLN B 379 21.05 -26.65 0.83
CA GLN B 379 20.75 -25.23 0.69
C GLN B 379 19.64 -24.81 1.63
N ASN B 380 18.66 -25.70 1.86
CA ASN B 380 17.65 -25.42 2.87
C ASN B 380 18.28 -25.24 4.25
N ALA B 381 19.28 -26.05 4.57
CA ALA B 381 19.92 -25.94 5.89
C ALA B 381 20.69 -24.63 6.01
N SER B 382 21.49 -24.31 4.99
CA SER B 382 22.19 -23.02 4.99
C SER B 382 21.22 -21.87 5.13
N LEU B 383 20.13 -21.88 4.37
CA LEU B 383 19.16 -20.80 4.43
C LEU B 383 18.47 -20.73 5.79
N ASP B 384 18.29 -21.86 6.46
CA ASP B 384 17.66 -21.85 7.78
C ASP B 384 18.57 -21.21 8.81
N CYS B 385 19.83 -21.69 8.87
CA CYS B 385 20.82 -21.01 9.70
C CYS B 385 20.87 -19.51 9.40
N LEU B 386 20.75 -19.15 8.12
CA LEU B 386 20.92 -17.78 7.69
C LEU B 386 19.74 -16.91 8.13
N ILE B 387 18.51 -17.42 8.06
CA ILE B 387 17.39 -16.65 8.55
C ILE B 387 17.45 -16.57 10.07
N GLU B 388 18.00 -17.58 10.74
CA GLU B 388 18.09 -17.51 12.19
C GLU B 388 19.04 -16.40 12.62
N LYS B 389 20.25 -16.39 12.07
CA LYS B 389 21.20 -15.34 12.42
C LYS B 389 20.73 -13.96 11.96
N SER B 390 20.13 -13.88 10.77
CA SER B 390 19.67 -12.59 10.25
C SER B 390 18.57 -11.98 11.11
N SER B 391 17.90 -12.77 11.94
CA SER B 391 16.79 -12.27 12.76
C SER B 391 17.19 -11.90 14.18
N MSE B 392 18.37 -12.32 14.65
CA MSE B 392 18.83 -11.91 15.97
C MSE B 392 19.29 -10.45 15.93
O MSE B 392 18.83 -9.62 16.70
CB MSE B 392 19.97 -12.80 16.47
CG MSE B 392 19.55 -14.22 16.75
SE MSE B 392 20.90 -15.15 17.79
CE MSE B 392 22.31 -15.21 16.45
N ILE B 393 20.21 -10.16 15.02
CA ILE B 393 20.34 -8.78 14.57
C ILE B 393 19.12 -8.44 13.73
N PHE B 394 18.84 -7.15 13.61
CA PHE B 394 17.58 -6.74 12.99
C PHE B 394 17.75 -6.43 11.52
N ALA B 395 18.32 -7.40 10.79
CA ALA B 395 18.60 -7.26 9.36
C ALA B 395 17.51 -7.97 8.56
N TRP B 396 16.33 -7.33 8.56
CA TRP B 396 15.12 -7.95 8.03
C TRP B 396 15.14 -8.05 6.51
N LEU B 397 15.98 -7.26 5.84
CA LEU B 397 16.05 -7.34 4.39
C LEU B 397 16.73 -8.63 3.95
N LYS B 398 17.85 -8.97 4.59
CA LYS B 398 18.47 -10.28 4.39
C LYS B 398 17.51 -11.39 4.77
N HIS B 399 16.70 -11.16 5.81
CA HIS B 399 15.69 -12.13 6.22
C HIS B 399 14.71 -12.40 5.08
N CYS B 400 14.21 -11.34 4.44
CA CYS B 400 13.32 -11.50 3.29
C CYS B 400 14.02 -12.23 2.14
N GLU B 401 15.27 -11.86 1.87
CA GLU B 401 16.08 -12.55 0.86
C GLU B 401 16.05 -14.06 1.07
N TYR B 402 16.46 -14.49 2.26
CA TYR B 402 16.55 -15.93 2.54
C TYR B 402 15.18 -16.58 2.54
N ALA B 403 14.15 -15.87 3.04
CA ALA B 403 12.79 -16.42 3.00
C ALA B 403 12.37 -16.70 1.56
N LYS B 404 12.56 -15.73 0.66
CA LYS B 404 12.23 -15.94 -0.75
C LYS B 404 12.99 -17.14 -1.32
N ARG B 405 14.30 -17.24 -1.05
CA ARG B 405 15.04 -18.36 -1.61
C ARG B 405 14.63 -19.69 -0.99
N LYS B 406 14.18 -19.68 0.27
CA LYS B 406 13.67 -20.88 0.89
C LYS B 406 12.37 -21.32 0.23
N LYS B 407 11.52 -20.36 -0.13
CA LYS B 407 10.27 -20.74 -0.79
C LYS B 407 10.56 -21.27 -2.18
N ARG B 408 11.53 -20.66 -2.88
CA ARG B 408 11.88 -21.09 -4.22
C ARG B 408 12.44 -22.51 -4.22
N ILE B 409 13.18 -22.89 -3.17
CA ILE B 409 13.74 -24.25 -3.11
C ILE B 409 12.84 -25.22 -2.37
N ALA B 410 11.83 -24.75 -1.65
CA ALA B 410 10.80 -25.62 -1.10
C ALA B 410 9.81 -26.07 -2.15
N SER B 411 9.39 -25.15 -3.03
CA SER B 411 8.46 -25.51 -4.09
C SER B 411 9.06 -26.56 -5.02
N GLU B 412 10.35 -26.41 -5.34
CA GLU B 412 11.03 -27.39 -6.17
C GLU B 412 11.11 -28.75 -5.50
N LEU B 413 11.41 -28.78 -4.20
CA LEU B 413 11.58 -30.03 -3.47
C LEU B 413 10.26 -30.69 -3.10
N CYS B 414 9.12 -30.10 -3.46
CA CYS B 414 7.80 -30.65 -3.18
C CYS B 414 7.64 -31.07 -1.72
N ASP B 415 7.91 -30.10 -0.83
CA ASP B 415 7.74 -30.28 0.61
C ASP B 415 6.66 -29.32 1.08
N LYS B 416 5.59 -29.86 1.67
CA LYS B 416 4.52 -29.02 2.18
C LYS B 416 4.94 -28.30 3.46
N GLY B 417 5.65 -29.01 4.33
CA GLY B 417 6.09 -28.40 5.58
C GLY B 417 7.00 -27.22 5.35
N LYS B 418 8.06 -27.41 4.54
CA LYS B 418 8.94 -26.30 4.20
C LYS B 418 8.20 -25.15 3.52
N LEU B 419 7.22 -25.45 2.67
CA LEU B 419 6.53 -24.36 2.00
C LEU B 419 5.71 -23.53 2.98
N SER B 420 5.07 -24.20 3.94
CA SER B 420 4.35 -23.46 4.98
C SER B 420 5.31 -22.70 5.90
N ASP B 421 6.46 -23.30 6.18
CA ASP B 421 7.46 -22.66 7.02
C ASP B 421 7.97 -21.37 6.37
N SER B 422 8.37 -21.47 5.10
CA SER B 422 8.79 -20.28 4.36
C SER B 422 7.68 -19.25 4.26
N PHE B 423 6.42 -19.68 4.30
CA PHE B 423 5.32 -18.72 4.29
C PHE B 423 5.25 -17.98 5.62
N LEU B 424 5.41 -18.70 6.73
CA LEU B 424 5.46 -18.05 8.04
C LEU B 424 6.59 -17.03 8.12
N VAL B 425 7.80 -17.45 7.72
CA VAL B 425 8.95 -16.57 7.87
C VAL B 425 8.85 -15.37 6.93
N ILE B 426 8.29 -15.54 5.73
CA ILE B 426 8.13 -14.39 4.85
C ILE B 426 7.08 -13.44 5.42
N GLY B 427 6.09 -13.97 6.13
CA GLY B 427 5.11 -13.08 6.74
C GLY B 427 5.68 -12.24 7.87
N GLU B 428 6.51 -12.87 8.72
CA GLU B 428 7.17 -12.09 9.78
C GLU B 428 8.14 -11.07 9.18
N SER B 429 8.95 -11.51 8.21
CA SER B 429 9.84 -10.62 7.49
C SER B 429 9.08 -9.42 6.95
N TYR B 430 7.85 -9.62 6.51
CA TYR B 430 7.07 -8.51 5.97
C TYR B 430 6.50 -7.61 7.07
N GLN B 431 6.12 -8.17 8.23
CA GLN B 431 5.66 -7.28 9.29
C GLN B 431 6.77 -6.32 9.68
N LYS B 432 7.94 -6.86 9.99
CA LYS B 432 9.03 -6.00 10.46
C LYS B 432 9.61 -5.12 9.37
N LEU B 433 9.27 -5.38 8.10
CA LEU B 433 9.54 -4.41 7.03
C LEU B 433 8.52 -3.27 7.00
N ARG B 434 7.48 -3.33 7.84
CA ARG B 434 6.37 -2.38 7.83
C ARG B 434 5.57 -2.47 6.54
N LYS B 435 5.43 -3.67 6.00
CA LYS B 435 4.60 -3.95 4.83
C LYS B 435 3.43 -4.84 5.28
N PHE B 436 2.43 -4.20 5.88
CA PHE B 436 1.43 -4.95 6.66
C PHE B 436 0.50 -5.77 5.77
N ASN B 437 0.04 -5.20 4.65
CA ASN B 437 -0.89 -5.92 3.79
C ASN B 437 -0.23 -7.18 3.21
N LYS B 438 1.00 -7.05 2.71
CA LYS B 438 1.71 -8.22 2.21
C LYS B 438 1.98 -9.21 3.32
N ALA B 439 2.15 -8.71 4.55
CA ALA B 439 2.38 -9.59 5.69
C ALA B 439 1.15 -10.44 5.98
N ILE B 440 -0.03 -9.81 6.00
CA ILE B 440 -1.23 -10.60 6.27
C ILE B 440 -1.56 -11.52 5.11
N LYS B 441 -1.19 -11.15 3.88
CA LYS B 441 -1.48 -12.05 2.76
C LYS B 441 -0.58 -13.29 2.83
N TRP B 442 0.70 -13.13 3.18
CA TRP B 442 1.56 -14.30 3.32
C TRP B 442 1.18 -15.10 4.56
N TYR B 443 0.68 -14.43 5.60
CA TYR B 443 0.28 -15.13 6.81
C TYR B 443 -0.97 -15.97 6.57
N THR B 444 -1.91 -15.46 5.78
CA THR B 444 -3.07 -16.26 5.41
C THR B 444 -2.69 -17.38 4.45
N LYS B 445 -1.72 -17.16 3.56
CA LYS B 445 -1.19 -18.27 2.77
C LYS B 445 -0.67 -19.38 3.68
N SER B 446 0.11 -19.01 4.71
CA SER B 446 0.61 -20.03 5.63
C SER B 446 -0.53 -20.67 6.41
N TRP B 447 -1.57 -19.90 6.72
CA TRP B 447 -2.76 -20.45 7.37
C TRP B 447 -3.40 -21.54 6.52
N GLU B 448 -3.64 -21.24 5.25
CA GLU B 448 -4.27 -22.21 4.35
C GLU B 448 -3.33 -23.35 3.96
N MSE B 449 -2.03 -23.20 4.21
CA MSE B 449 -1.12 -24.33 4.01
C MSE B 449 -1.07 -25.26 5.22
O MSE B 449 -1.03 -26.48 5.07
CB MSE B 449 0.29 -23.84 3.69
CG MSE B 449 1.09 -24.80 2.84
SE MSE B 449 0.51 -24.80 0.99
CE MSE B 449 1.76 -26.11 0.27
N TYR B 450 -1.08 -24.67 6.43
CA TYR B 450 -1.05 -25.49 7.63
C TYR B 450 -2.36 -26.21 7.87
N LYS B 451 -3.48 -25.60 7.48
CA LYS B 451 -4.76 -26.31 7.51
C LYS B 451 -4.73 -27.48 6.53
N SER B 452 -4.34 -27.21 5.28
CA SER B 452 -4.31 -28.25 4.25
C SER B 452 -3.50 -29.47 4.67
N ILE B 453 -2.50 -29.29 5.52
CA ILE B 453 -1.69 -30.41 5.98
C ILE B 453 -2.05 -30.78 7.42
N GLU B 457 0.18 -27.18 15.06
CA GLU B 457 1.13 -26.27 15.71
C GLU B 457 1.39 -25.04 14.84
N GLY B 458 1.85 -25.27 13.62
CA GLY B 458 2.15 -24.18 12.71
C GLY B 458 0.98 -23.23 12.51
N GLN B 459 -0.24 -23.77 12.49
CA GLN B 459 -1.43 -22.96 12.28
C GLN B 459 -1.59 -21.94 13.41
N ALA B 460 -1.30 -22.36 14.65
CA ALA B 460 -1.35 -21.45 15.79
C ALA B 460 -0.38 -20.29 15.62
N LEU B 461 0.88 -20.61 15.31
CA LEU B 461 1.87 -19.58 14.99
C LEU B 461 1.37 -18.61 13.93
N ALA B 462 0.90 -19.13 12.79
CA ALA B 462 0.40 -18.25 11.75
C ALA B 462 -0.65 -17.30 12.30
N LYS B 463 -1.55 -17.81 13.14
CA LYS B 463 -2.62 -16.98 13.66
C LYS B 463 -2.08 -15.91 14.60
N VAL B 464 -1.22 -16.31 15.53
CA VAL B 464 -0.68 -15.36 16.51
C VAL B 464 0.08 -14.23 15.82
N ASN B 465 1.05 -14.60 14.98
CA ASN B 465 1.88 -13.57 14.33
C ASN B 465 1.05 -12.70 13.40
N MSE B 466 0.06 -13.28 12.72
CA MSE B 466 -0.80 -12.47 11.87
C MSE B 466 -1.65 -11.55 12.74
O MSE B 466 -2.03 -10.45 12.32
CB MSE B 466 -1.67 -13.36 10.98
CG MSE B 466 -2.97 -12.71 10.56
SE MSE B 466 -3.81 -13.63 9.08
CE MSE B 466 -5.43 -12.56 8.98
N GLY B 467 -1.95 -11.98 13.97
CA GLY B 467 -2.63 -11.10 14.90
C GLY B 467 -1.78 -9.92 15.29
N ASN B 468 -0.47 -10.14 15.44
CA ASN B 468 0.46 -9.02 15.61
C ASN B 468 0.33 -8.04 14.45
N VAL B 469 0.30 -8.57 13.22
CA VAL B 469 0.15 -7.71 12.04
C VAL B 469 -1.16 -6.92 12.13
N LEU B 470 -2.27 -7.63 12.38
CA LEU B 470 -3.59 -7.00 12.43
C LEU B 470 -3.62 -5.85 13.43
N ASP B 471 -3.07 -6.09 14.63
CA ASP B 471 -2.98 -5.01 15.60
C ASP B 471 -2.18 -3.84 15.04
N SER B 472 -0.93 -4.09 14.64
CA SER B 472 -0.06 -3.01 14.20
C SER B 472 -0.58 -2.28 12.96
N ASN B 473 -1.56 -2.82 12.26
CA ASN B 473 -2.18 -2.12 11.15
C ASN B 473 -3.35 -1.22 11.56
N GLY B 474 -3.79 -1.32 12.81
CA GLY B 474 -4.89 -0.50 13.31
C GLY B 474 -6.18 -1.24 13.55
N ASP B 475 -6.20 -2.56 13.39
CA ASP B 475 -7.38 -3.36 13.68
C ASP B 475 -7.23 -4.01 15.05
N TRP B 476 -7.21 -3.15 16.08
CA TRP B 476 -7.00 -3.58 17.45
C TRP B 476 -7.93 -4.71 17.86
N ALA B 477 -9.11 -4.81 17.25
CA ALA B 477 -10.05 -5.88 17.56
C ALA B 477 -9.58 -7.20 16.94
N LEU B 480 -8.19 -10.63 19.86
CA LEU B 480 -8.87 -11.44 18.85
C LEU B 480 -7.89 -12.43 18.22
N ASP B 481 -6.71 -12.52 18.82
CA ASP B 481 -5.66 -13.44 18.36
C ASP B 481 -6.14 -14.88 18.24
N PRO B 496 1.33 -26.19 24.00
CA PRO B 496 2.76 -26.12 24.35
C PRO B 496 3.21 -24.68 24.65
N SER B 497 4.30 -24.26 23.99
CA SER B 497 4.90 -22.96 24.28
C SER B 497 4.05 -21.81 23.73
N VAL B 498 3.38 -22.04 22.60
CA VAL B 498 2.57 -20.99 21.96
C VAL B 498 1.49 -20.45 22.88
N GLN B 499 1.05 -21.23 23.87
CA GLN B 499 0.13 -20.70 24.87
C GLN B 499 0.71 -19.47 25.56
N LEU B 500 2.00 -19.52 25.93
CA LEU B 500 2.64 -18.38 26.58
C LEU B 500 2.60 -17.14 25.69
N SER B 501 2.99 -17.28 24.42
CA SER B 501 3.03 -16.12 23.54
C SER B 501 1.64 -15.54 23.32
N ALA B 502 0.67 -16.41 23.03
CA ALA B 502 -0.70 -15.95 22.82
C ALA B 502 -1.24 -15.24 24.05
N LEU B 503 -1.01 -15.81 25.24
CA LEU B 503 -1.44 -15.17 26.47
C LEU B 503 -0.76 -13.82 26.67
N GLU B 504 0.53 -13.72 26.32
CA GLU B 504 1.26 -12.50 26.58
C GLU B 504 0.76 -11.35 25.69
N ASN B 505 0.70 -11.57 24.38
CA ASN B 505 0.13 -10.50 23.57
C ASN B 505 -1.40 -10.52 23.56
N MSE B 506 -2.02 -11.32 24.42
CA MSE B 506 -3.42 -11.15 24.81
C MSE B 506 -3.48 -10.07 25.89
O MSE B 506 -4.31 -9.14 25.85
CB MSE B 506 -3.98 -12.47 25.35
CG MSE B 506 -5.49 -12.58 25.40
SE MSE B 506 -6.21 -13.43 23.80
CE MSE B 506 -6.08 -15.29 24.40
N HIS B 507 -2.60 -10.25 26.88
CA HIS B 507 -2.45 -9.28 27.95
C HIS B 507 -2.13 -7.90 27.41
N TYR B 508 -1.27 -7.83 26.39
CA TYR B 508 -1.00 -6.55 25.74
C TYR B 508 -2.28 -5.94 25.17
N SER B 509 -3.00 -6.71 24.35
CA SER B 509 -4.24 -6.25 23.74
C SER B 509 -5.21 -5.70 24.77
N HIS B 510 -5.27 -6.33 25.95
CA HIS B 510 -6.19 -5.83 26.97
C HIS B 510 -5.65 -4.64 27.74
N MSE B 511 -4.33 -4.56 27.95
CA MSE B 511 -3.76 -3.38 28.60
C MSE B 511 -3.93 -2.12 27.78
O MSE B 511 -4.01 -1.02 28.32
CB MSE B 511 -2.28 -3.57 28.91
CG MSE B 511 -1.98 -4.40 30.14
SE MSE B 511 -0.23 -3.91 30.86
CE MSE B 511 -0.10 -2.09 30.18
N ILE B 512 -3.97 -2.27 26.44
CA ILE B 512 -4.09 -1.07 25.60
C ILE B 512 -5.55 -0.66 25.39
N ARG B 513 -6.52 -1.51 25.71
CA ARG B 513 -7.93 -1.16 25.60
C ARG B 513 -8.59 -0.91 26.96
N PHE B 514 -7.82 -0.78 28.03
CA PHE B 514 -8.33 -0.48 29.37
C PHE B 514 -9.34 -1.53 29.84
N ASP B 515 -8.86 -2.77 29.97
CA ASP B 515 -9.63 -3.87 30.53
C ASP B 515 -8.80 -4.45 31.69
N ASN B 516 -8.87 -3.78 32.84
CA ASN B 516 -7.98 -4.10 33.96
C ASN B 516 -8.17 -5.53 34.45
N ILE B 517 -9.42 -5.91 34.72
CA ILE B 517 -9.70 -7.23 35.31
C ILE B 517 -9.19 -8.34 34.40
N GLU B 518 -9.58 -8.32 33.13
CA GLU B 518 -9.18 -9.36 32.19
C GLU B 518 -7.67 -9.45 32.06
N GLU B 519 -7.01 -8.30 31.93
CA GLU B 519 -5.56 -8.28 31.80
C GLU B 519 -4.87 -8.85 33.04
N ALA B 520 -5.33 -8.44 34.23
CA ALA B 520 -4.73 -8.94 35.46
C ALA B 520 -4.97 -10.44 35.62
N ARG B 521 -6.08 -10.95 35.09
CA ARG B 521 -6.31 -12.38 35.11
C ARG B 521 -5.40 -13.10 34.12
N ARG B 522 -5.18 -12.49 32.94
CA ARG B 522 -4.29 -13.09 31.95
C ARG B 522 -2.86 -13.18 32.45
N LEU B 523 -2.35 -12.12 33.09
CA LEU B 523 -0.99 -12.19 33.64
C LEU B 523 -0.86 -13.30 34.67
N GLN B 524 -1.93 -13.60 35.41
CA GLN B 524 -1.91 -14.68 36.38
C GLN B 524 -1.98 -16.04 35.71
N THR C 3 5.76 -4.05 23.82
CA THR C 3 5.29 -5.11 24.70
C THR C 3 4.96 -6.37 23.89
N LYS C 4 4.59 -6.18 22.63
CA LYS C 4 4.09 -7.27 21.80
C LYS C 4 5.19 -8.30 21.55
N GLN C 5 4.77 -9.50 21.15
CA GLN C 5 5.63 -10.66 20.98
C GLN C 5 5.28 -11.45 19.73
N THR C 6 6.32 -11.93 19.05
CA THR C 6 6.20 -12.82 17.90
C THR C 6 6.36 -14.25 18.39
N ALA C 7 5.44 -15.13 18.00
CA ALA C 7 5.46 -16.49 18.50
C ALA C 7 6.36 -17.35 17.61
N ARG C 8 7.09 -18.27 18.24
CA ARG C 8 8.01 -19.16 17.53
C ARG C 8 7.90 -20.58 18.09
N LYS C 9 8.17 -21.56 17.23
CA LYS C 9 8.04 -22.96 17.60
C LYS C 9 9.03 -23.36 18.70
N GLN C 19 16.78 -10.73 19.26
CA GLN C 19 17.35 -11.35 20.45
C GLN C 19 18.44 -10.49 21.07
N LEU C 20 19.22 -9.81 20.23
CA LEU C 20 20.27 -8.90 20.69
C LEU C 20 19.68 -7.51 20.61
N ALA C 21 19.01 -7.12 21.68
CA ALA C 21 18.25 -5.87 21.71
C ALA C 21 19.02 -4.87 22.56
N THR C 22 19.30 -3.72 21.98
CA THR C 22 19.90 -2.63 22.72
C THR C 22 18.80 -1.80 23.35
N LYS C 23 19.11 -1.18 24.48
CA LYS C 23 18.15 -0.33 25.16
C LYS C 23 18.28 1.08 24.62
N ALA C 24 17.15 1.65 24.19
CA ALA C 24 17.12 2.99 23.64
C ALA C 24 16.86 3.98 24.77
N ALA C 25 16.60 5.24 24.42
CA ALA C 25 16.44 6.30 25.41
C ALA C 25 15.32 7.24 25.01
N ARG C 26 14.63 7.75 26.02
CA ARG C 26 13.59 8.74 25.81
C ARG C 26 13.99 10.02 26.54
N LYS C 27 13.28 11.12 26.23
CA LYS C 27 13.53 12.42 26.85
C LYS C 27 12.16 13.07 27.09
N SER C 28 11.66 12.95 28.31
CA SER C 28 10.40 13.58 28.69
C SER C 28 10.63 15.02 29.13
N ALA C 29 9.53 15.77 29.23
CA ALA C 29 9.75 17.16 29.59
C ALA C 29 9.31 17.41 31.03
N PRO C 30 10.20 18.00 31.84
CA PRO C 30 9.89 18.26 33.25
C PRO C 30 8.95 19.42 33.51
N ALA C 31 8.67 19.64 34.79
CA ALA C 31 7.89 20.81 35.22
C ALA C 31 8.72 22.07 35.06
N THR C 32 8.05 23.21 35.03
CA THR C 32 8.67 24.49 34.73
C THR C 32 9.03 25.30 35.98
N GLY C 33 8.70 24.81 37.17
CA GLY C 33 9.05 25.48 38.40
C GLY C 33 10.26 24.86 39.09
N GLY C 34 10.31 25.01 40.41
CA GLY C 34 11.33 24.34 41.19
C GLY C 34 12.33 25.20 41.92
N VAL C 35 12.99 26.11 41.22
CA VAL C 35 14.09 26.89 41.78
C VAL C 35 13.53 28.20 42.30
N LYS C 36 13.66 28.42 43.61
CA LYS C 36 13.24 29.67 44.21
C LYS C 36 14.44 30.42 44.78
N LYS D 4 -23.38 -3.40 -24.16
CA LYS D 4 -24.15 -2.52 -23.29
C LYS D 4 -24.93 -3.39 -22.30
N GLN D 5 -26.25 -3.48 -22.47
CA GLN D 5 -27.06 -4.30 -21.58
C GLN D 5 -28.07 -5.06 -22.43
N THR D 6 -28.14 -6.37 -22.22
CA THR D 6 -29.13 -7.19 -22.90
C THR D 6 -30.28 -7.49 -21.96
N ALA D 7 -31.49 -7.18 -22.42
CA ALA D 7 -32.69 -7.25 -21.61
C ALA D 7 -33.33 -8.63 -21.68
N ARG D 8 -33.86 -9.07 -20.54
CA ARG D 8 -34.57 -10.32 -20.46
C ARG D 8 -35.82 -10.11 -19.63
N LYS D 18 -26.36 -15.29 -14.92
CA LYS D 18 -24.99 -15.19 -14.42
C LYS D 18 -23.97 -15.54 -15.49
N GLN D 19 -23.49 -14.53 -16.22
CA GLN D 19 -22.50 -14.75 -17.27
C GLN D 19 -21.09 -14.84 -16.67
N LEU D 20 -20.23 -15.60 -17.35
CA LEU D 20 -18.86 -15.86 -16.93
C LEU D 20 -17.87 -15.06 -17.79
N ALA D 21 -17.58 -13.83 -17.38
CA ALA D 21 -16.76 -12.92 -18.16
C ALA D 21 -15.39 -12.67 -17.51
N THR D 22 -14.32 -12.85 -18.29
CA THR D 22 -12.96 -12.56 -17.85
C THR D 22 -12.60 -11.10 -18.11
N LYS D 23 -11.63 -10.61 -17.34
CA LYS D 23 -11.12 -9.26 -17.50
C LYS D 23 -9.95 -9.25 -18.49
N ALA D 24 -10.02 -8.34 -19.46
CA ALA D 24 -8.94 -8.19 -20.42
C ALA D 24 -7.96 -7.13 -19.90
N ALA D 25 -7.00 -6.74 -20.73
CA ALA D 25 -6.00 -5.76 -20.32
C ALA D 25 -5.74 -4.83 -21.50
N ARG D 26 -5.48 -3.57 -21.21
CA ARG D 26 -5.17 -2.54 -22.19
C ARG D 26 -3.78 -2.00 -21.90
N LYS D 27 -3.26 -1.22 -22.84
CA LYS D 27 -1.90 -0.72 -22.70
C LYS D 27 -1.86 0.74 -23.10
N SER D 28 -1.83 1.62 -22.10
CA SER D 28 -1.70 3.05 -22.32
C SER D 28 -0.24 3.41 -22.55
N ALA D 29 -0.01 4.62 -23.06
CA ALA D 29 1.32 5.06 -23.42
C ALA D 29 1.83 6.08 -22.41
N PRO D 30 3.01 5.89 -21.82
CA PRO D 30 3.46 6.86 -20.82
C PRO D 30 3.81 8.20 -21.45
N ALA D 31 4.03 9.19 -20.60
CA ALA D 31 4.62 10.41 -21.10
C ALA D 31 6.10 10.14 -21.34
N THR D 32 6.71 10.90 -22.21
CA THR D 32 8.05 10.55 -22.65
C THR D 32 9.13 11.34 -21.92
N GLY D 33 9.19 11.21 -20.60
CA GLY D 33 10.26 11.85 -19.86
C GLY D 33 9.87 12.47 -18.53
N GLY D 34 10.27 11.81 -17.45
CA GLY D 34 10.09 12.32 -16.10
C GLY D 34 11.39 12.16 -15.33
N VAL D 35 12.43 11.75 -16.05
CA VAL D 35 13.72 11.40 -15.45
C VAL D 35 14.65 12.61 -15.50
N LYS D 36 15.57 12.65 -14.54
CA LYS D 36 16.56 13.72 -14.43
C LYS D 36 17.93 13.16 -14.81
N LYS D 37 18.77 14.01 -15.39
CA LYS D 37 20.04 13.58 -15.96
C LYS D 37 21.21 14.24 -15.24
N PRO D 38 21.88 13.55 -14.33
CA PRO D 38 22.95 14.18 -13.55
C PRO D 38 24.25 14.25 -14.33
N HIS D 39 25.19 14.99 -13.76
CA HIS D 39 26.49 15.24 -14.38
C HIS D 39 27.59 14.40 -13.74
N ARG D 40 28.52 13.95 -14.56
CA ARG D 40 29.65 13.16 -14.10
C ARG D 40 30.81 13.22 -15.08
#